data_6ADR
#
_entry.id   6ADR
#
_cell.length_a   1.0
_cell.length_b   1.0
_cell.length_c   1.0
_cell.angle_alpha   90.00
_cell.angle_beta   90.00
_cell.angle_gamma   90.00
#
_symmetry.space_group_name_H-M   'P 1'
#
loop_
_entity.id
_entity.type
_entity.pdbx_description
1 polymer VP1
2 polymer VP3
3 polymer vp2
4 polymer VP4
5 polymer 'Anthrax toxin receptor 1'
6 non-polymer 'MAGNESIUM ION'
7 water water
#
loop_
_entity_poly.entity_id
_entity_poly.type
_entity_poly.pdbx_seq_one_letter_code
_entity_poly.pdbx_strand_id
1 'polypeptide(L)'
;STDNAETGVIEAGNTDTDFSGELAAPGSNHTNVKFLFDRSRLLNVIKVLEKDAVFPRPFPTATGTQQDDGYFCLLTPRPT
VASRPATRFGLYVSPSDSGVLANTSLDFNFYSLACFTYFRSDLEVTVVSLEPDLEFAVGWFPSGSEYQASSFVYDQLHVP
YHFTGRTPRAFASKGGKVSFVLPWNSVSSVLPVRWGGASKLSSATRGLPAHADWGTIYAFIPRPNEKKSTAVKHVAVYIR
YKNARAWCPSMLPFRSYK
;
A
2 'polypeptide(L)'
;GPIPTAPRENSLMFLSTTPDDTVPAYGNVRTPPVNYLPGEITDLLQLARIPTLMAFGRVPEPEPASDAYVPYVAVPTQFD
DKPLISFPITLSDPVYQNTLVGAISSNFANYRGCIQITLTFCGPMMARGKFLLSYSPPNGTQPQTLSEAMQCTYSIWDIG
LNSSWTFVIPYISPSDYRETRAITNSVYSADGWFSLHKLTKITLPPDCPQSPCILFFASAGEDYTLRLPVDCNPSYVFH
;
C
3 'polypeptide(L)'
;DRVTTQTAGNTAINTQSSLGVLCAYVEDPTKSDPPSSSTDQPTTTFTAIDRWYTGRLNSWTKAVKTFSFQAVPLPGAFLS
RQGGLNGGAFTATLHRHFLMKCGWQVQVQCNLTQFHQGALLVAMVPETTLDVKPDGKAKSLQELNEEQWVEMSDDYRTGK
NMPFQSLGTYYRPPNWTWGPNFINPYQVTVFPHQILNARTSTSVDINVPYIGETPTQSSETQNSWTLLVMVLVPLDYKEG
ATTDPEITFSVRPTSPYFNGLRNRYTT
;
B
4 'polypeptide(L)' GNVQTTSKNDFDSRGNNGNMTFNYYANTYQNSVDFSTSSSASGAGPGNSRGGLAGLLTNFSGILNPLGYLK D
5 'polypeptide(L)'
;SMACYGGFDLYFILDKSGSVLHHWNEIYYFVEQLAHKFISPQLRMSFIVFSTRGTTLMKLTEDREQIRQGLEELQKVLPG
GDTYMHEGFERASEQIYYENRQGYRTASVIIALTDGELHEDLFFYSEREANRSRDLGAIVYAVGVKDFNETQLARIADSK
DHVFPVNDGFQALQGIIHSILKKSC
;
R
#
loop_
_chem_comp.id
_chem_comp.type
_chem_comp.name
_chem_comp.formula
MG non-polymer 'MAGNESIUM ION' 'Mg 2'
#
# COMPACT_ATOMS: atom_id res chain seq x y z
N SER A 1 -21.46 24.63 4.57
CA SER A 1 -21.25 25.95 5.16
C SER A 1 -19.83 26.45 4.97
N THR A 2 -19.63 27.71 5.33
CA THR A 2 -18.32 28.34 5.21
C THR A 2 -17.33 27.69 6.17
N ASP A 3 -16.20 27.24 5.62
CA ASP A 3 -15.29 26.38 6.35
C ASP A 3 -13.88 26.68 5.85
N ASN A 4 -12.89 26.03 6.46
CA ASN A 4 -11.52 26.06 5.96
C ASN A 4 -10.97 24.65 6.02
N ALA A 5 -10.81 24.03 4.86
CA ALA A 5 -10.25 22.69 4.81
C ALA A 5 -8.74 22.67 4.87
N GLU A 6 -8.10 23.85 4.80
CA GLU A 6 -6.67 23.92 5.03
C GLU A 6 -6.32 23.76 6.49
N THR A 7 -7.30 23.99 7.38
CA THR A 7 -7.12 23.81 8.81
C THR A 7 -6.80 22.36 9.15
N GLY A 8 -7.34 21.41 8.40
CA GLY A 8 -7.09 20.03 8.64
C GLY A 8 -8.18 19.33 9.42
N VAL A 9 -9.06 20.09 10.06
CA VAL A 9 -10.23 19.55 10.75
C VAL A 9 -11.47 20.16 10.13
N ILE A 10 -12.32 19.31 9.54
CA ILE A 10 -13.63 19.71 9.04
C ILE A 10 -14.66 19.03 9.91
N GLU A 11 -15.52 19.83 10.54
CA GLU A 11 -16.55 19.28 11.41
C GLU A 11 -17.66 18.65 10.58
N ALA A 12 -17.99 17.40 10.91
CA ALA A 12 -18.94 16.62 10.12
C ALA A 12 -20.35 17.19 10.31
N GLY A 13 -20.87 17.83 9.27
CA GLY A 13 -22.15 18.48 9.34
C GLY A 13 -23.30 17.54 9.08
N ASN A 14 -24.50 18.12 8.98
CA ASN A 14 -25.72 17.40 8.71
C ASN A 14 -26.50 18.20 7.67
N THR A 15 -27.73 17.78 7.40
CA THR A 15 -28.55 18.52 6.45
C THR A 15 -29.05 19.82 7.07
N ASP A 16 -29.26 19.84 8.38
CA ASP A 16 -29.81 21.00 9.07
C ASP A 16 -28.82 22.16 9.16
N THR A 17 -27.54 21.93 8.82
CA THR A 17 -26.54 22.97 8.93
C THR A 17 -26.75 24.07 7.89
N ASP A 18 -26.91 23.69 6.63
CA ASP A 18 -27.15 24.66 5.57
C ASP A 18 -28.62 24.83 5.23
N PHE A 19 -29.41 23.77 5.35
CA PHE A 19 -30.76 23.74 4.83
C PHE A 19 -31.73 23.57 6.00
N SER A 20 -32.99 23.33 5.67
CA SER A 20 -33.97 22.90 6.65
C SER A 20 -34.08 21.38 6.54
N GLY A 21 -33.78 20.69 7.62
CA GLY A 21 -33.77 19.25 7.61
C GLY A 21 -33.87 18.69 8.99
N GLU A 22 -33.30 17.50 9.16
CA GLU A 22 -33.35 16.79 10.43
C GLU A 22 -32.26 15.73 10.43
N LEU A 23 -31.92 15.28 11.63
CA LEU A 23 -30.95 14.20 11.79
C LEU A 23 -31.62 12.87 11.53
N ALA A 24 -30.97 12.01 10.77
CA ALA A 24 -31.44 10.64 10.60
C ALA A 24 -31.04 9.82 11.82
N ALA A 25 -31.87 8.83 12.14
CA ALA A 25 -31.62 8.00 13.31
C ALA A 25 -30.42 7.08 13.05
N PRO A 26 -29.65 6.78 14.10
CA PRO A 26 -28.47 5.92 13.91
C PRO A 26 -28.88 4.50 13.59
N GLY A 27 -28.38 3.99 12.47
CA GLY A 27 -28.78 2.69 11.98
C GLY A 27 -28.28 1.51 12.80
N SER A 28 -26.98 1.26 12.77
CA SER A 28 -26.40 0.13 13.48
C SER A 28 -24.91 0.38 13.71
N ASN A 29 -24.31 -0.47 14.53
CA ASN A 29 -22.91 -0.34 14.90
C ASN A 29 -22.05 -1.42 14.25
N HIS A 30 -22.31 -1.74 12.99
CA HIS A 30 -21.53 -2.79 12.35
C HIS A 30 -20.15 -2.31 11.92
N THR A 31 -19.86 -1.02 12.06
CA THR A 31 -18.53 -0.50 11.79
C THR A 31 -17.62 -0.58 12.99
N ASN A 32 -18.09 -1.14 14.09
CA ASN A 32 -17.28 -1.29 15.29
C ASN A 32 -16.13 -2.24 15.00
N VAL A 33 -14.91 -1.87 15.44
CA VAL A 33 -13.72 -2.65 15.10
C VAL A 33 -13.78 -4.01 15.77
N LYS A 34 -14.28 -4.07 17.00
CA LYS A 34 -14.37 -5.33 17.72
C LYS A 34 -15.45 -6.23 17.14
N PHE A 35 -16.36 -5.68 16.34
CA PHE A 35 -17.44 -6.43 15.70
C PHE A 35 -17.08 -6.87 14.30
N LEU A 36 -16.24 -6.11 13.61
CA LEU A 36 -16.06 -6.21 12.17
C LEU A 36 -14.94 -7.15 11.80
N PHE A 37 -13.99 -7.39 12.68
CA PHE A 37 -12.92 -8.34 12.45
C PHE A 37 -13.16 -9.64 13.20
N ASP A 38 -14.24 -9.72 13.95
CA ASP A 38 -14.56 -10.88 14.77
C ASP A 38 -15.41 -11.87 13.97
N ARG A 39 -14.90 -12.25 12.80
CA ARG A 39 -15.58 -13.17 11.91
C ARG A 39 -14.54 -13.88 11.08
N SER A 40 -14.78 -15.15 10.78
CA SER A 40 -13.74 -16.00 10.24
C SER A 40 -13.57 -15.82 8.75
N ARG A 41 -12.36 -16.06 8.27
CA ARG A 41 -12.05 -15.94 6.86
C ARG A 41 -10.80 -16.75 6.56
N LEU A 42 -10.69 -17.18 5.31
CA LEU A 42 -9.63 -18.09 4.90
C LEU A 42 -8.29 -17.37 4.87
N LEU A 43 -7.24 -18.05 5.32
CA LEU A 43 -5.90 -17.47 5.35
C LEU A 43 -4.97 -18.13 4.34
N ASN A 44 -4.82 -19.45 4.42
CA ASN A 44 -3.81 -20.14 3.60
C ASN A 44 -4.17 -21.60 3.51
N VAL A 45 -4.07 -22.16 2.32
CA VAL A 45 -4.23 -23.60 2.11
C VAL A 45 -2.84 -24.23 2.16
N ILE A 46 -2.60 -25.02 3.20
CA ILE A 46 -1.30 -25.62 3.42
C ILE A 46 -1.39 -27.13 3.26
N LYS A 47 -0.29 -27.72 2.80
CA LYS A 47 -0.23 -29.17 2.69
C LYS A 47 -0.12 -29.78 4.08
N VAL A 48 -0.37 -31.08 4.16
CA VAL A 48 -0.38 -31.79 5.43
C VAL A 48 0.87 -32.65 5.49
N LEU A 49 1.64 -32.49 6.57
CA LEU A 49 2.87 -33.24 6.76
C LEU A 49 2.61 -34.73 6.90
N GLU A 50 3.52 -35.52 6.37
CA GLU A 50 3.45 -36.96 6.51
C GLU A 50 4.73 -37.57 7.02
N LYS A 51 5.73 -36.74 7.37
CA LYS A 51 6.95 -37.22 7.99
C LYS A 51 7.53 -36.09 8.82
N ASP A 52 8.69 -36.32 9.42
CA ASP A 52 9.38 -35.26 10.15
C ASP A 52 9.91 -34.23 9.16
N ALA A 53 9.51 -32.98 9.34
CA ALA A 53 9.76 -32.00 8.31
C ALA A 53 11.15 -31.40 8.46
N VAL A 54 11.50 -30.58 7.48
CA VAL A 54 12.62 -29.66 7.58
C VAL A 54 12.05 -28.27 7.38
N PHE A 55 12.12 -27.45 8.41
CA PHE A 55 11.54 -26.11 8.35
C PHE A 55 12.31 -25.28 7.33
N PRO A 56 11.64 -24.39 6.60
CA PRO A 56 12.31 -23.60 5.56
C PRO A 56 13.43 -22.72 6.10
N ARG A 57 14.62 -22.92 5.55
CA ARG A 57 15.80 -22.19 5.98
C ARG A 57 15.68 -20.73 5.54
N PRO A 58 16.27 -19.80 6.29
CA PRO A 58 16.04 -18.38 6.00
C PRO A 58 16.74 -17.92 4.73
N PHE A 59 16.25 -16.80 4.23
CA PHE A 59 16.65 -16.31 2.92
C PHE A 59 18.05 -15.68 2.98
N PRO A 60 18.82 -15.74 1.88
CA PRO A 60 18.60 -16.35 0.57
C PRO A 60 18.87 -17.85 0.52
N THR A 61 17.81 -18.62 0.33
CA THR A 61 17.93 -20.07 0.27
C THR A 61 18.53 -20.46 -1.08
N ALA A 62 19.60 -21.24 -1.05
CA ALA A 62 20.27 -21.67 -2.27
C ALA A 62 19.68 -22.98 -2.75
N THR A 63 19.99 -23.32 -4.00
CA THR A 63 19.49 -24.56 -4.59
C THR A 63 20.14 -25.77 -3.92
N GLY A 64 19.48 -26.91 -4.05
CA GLY A 64 19.97 -28.14 -3.47
C GLY A 64 19.55 -28.38 -2.04
N THR A 65 19.02 -27.38 -1.35
CA THR A 65 18.58 -27.57 0.02
C THR A 65 17.31 -28.41 0.03
N GLN A 66 17.42 -29.65 0.48
CA GLN A 66 16.23 -30.49 0.65
C GLN A 66 15.49 -30.01 1.88
N GLN A 67 14.48 -29.17 1.66
CA GLN A 67 13.62 -28.72 2.73
C GLN A 67 12.17 -28.96 2.32
N ASP A 68 11.26 -28.73 3.26
CA ASP A 68 9.84 -28.99 3.05
C ASP A 68 9.10 -27.65 2.99
N ASP A 69 8.57 -27.32 1.82
CA ASP A 69 7.92 -26.04 1.57
C ASP A 69 6.41 -26.20 1.51
N GLY A 70 5.71 -25.13 1.89
CA GLY A 70 4.28 -25.11 1.78
C GLY A 70 3.55 -25.93 2.81
N TYR A 71 4.20 -26.22 3.94
CA TYR A 71 3.57 -26.96 5.02
C TYR A 71 3.27 -26.12 6.24
N PHE A 72 3.95 -25.01 6.43
CA PHE A 72 3.83 -24.19 7.61
C PHE A 72 3.09 -22.92 7.24
N CYS A 73 2.17 -22.51 8.11
CA CYS A 73 1.28 -21.38 7.84
C CYS A 73 1.54 -20.30 8.86
N LEU A 74 2.40 -19.35 8.52
CA LEU A 74 2.74 -18.23 9.40
C LEU A 74 1.49 -17.36 9.54
N LEU A 75 0.82 -17.44 10.70
CA LEU A 75 -0.54 -16.93 10.88
C LEU A 75 -0.55 -15.41 10.96
N THR A 76 -0.52 -14.77 9.79
CA THR A 76 -0.41 -13.33 9.77
C THR A 76 -1.20 -12.72 8.62
N PRO A 77 -1.97 -11.65 8.86
CA PRO A 77 -2.59 -10.94 7.75
C PRO A 77 -1.61 -10.28 6.79
N ARG A 78 -0.40 -9.92 7.24
CA ARG A 78 0.62 -9.35 6.38
C ARG A 78 1.08 -10.37 5.34
N PRO A 79 1.64 -9.92 4.22
CA PRO A 79 2.07 -10.87 3.18
C PRO A 79 3.26 -11.71 3.63
N THR A 80 3.17 -13.01 3.38
CA THR A 80 4.23 -13.94 3.70
C THR A 80 4.78 -14.54 2.42
N VAL A 81 5.94 -15.17 2.52
CA VAL A 81 6.44 -16.03 1.46
C VAL A 81 7.26 -17.14 2.09
N ALA A 82 6.98 -18.38 1.66
CA ALA A 82 7.68 -19.59 2.09
C ALA A 82 7.65 -19.77 3.61
N SER A 83 6.48 -19.51 4.21
CA SER A 83 6.20 -19.65 5.63
C SER A 83 7.00 -18.70 6.50
N ARG A 84 7.50 -17.61 5.93
CA ARG A 84 8.25 -16.59 6.62
C ARG A 84 7.70 -15.22 6.24
N PRO A 85 7.70 -14.25 7.15
CA PRO A 85 7.05 -12.97 6.85
C PRO A 85 7.82 -12.19 5.81
N ALA A 86 7.09 -11.56 4.91
CA ALA A 86 7.67 -10.78 3.83
C ALA A 86 7.07 -9.39 3.83
N THR A 87 7.52 -8.59 2.87
CA THR A 87 6.93 -7.29 2.63
C THR A 87 6.00 -7.32 1.43
N ARG A 88 6.53 -7.64 0.26
CA ARG A 88 5.69 -7.65 -0.92
C ARG A 88 4.93 -8.97 -0.99
N PHE A 89 3.80 -8.93 -1.67
CA PHE A 89 2.98 -10.11 -1.94
C PHE A 89 3.15 -10.47 -3.40
N GLY A 90 3.56 -11.71 -3.65
CA GLY A 90 3.76 -12.13 -5.01
C GLY A 90 2.95 -13.33 -5.40
N LEU A 91 2.23 -13.23 -6.50
CA LEU A 91 1.52 -14.37 -7.06
C LEU A 91 2.14 -14.71 -8.41
N TYR A 92 2.25 -16.00 -8.69
CA TYR A 92 2.84 -16.45 -9.94
C TYR A 92 1.82 -16.33 -11.05
N VAL A 93 2.18 -15.60 -12.10
CA VAL A 93 1.26 -15.41 -13.22
C VAL A 93 1.30 -16.61 -14.15
N SER A 94 2.46 -16.90 -14.73
CA SER A 94 2.66 -18.11 -15.53
C SER A 94 3.73 -18.93 -14.83
N PRO A 95 3.36 -19.78 -13.88
CA PRO A 95 4.37 -20.51 -13.10
C PRO A 95 5.00 -21.66 -13.85
N SER A 96 6.06 -21.38 -14.61
CA SER A 96 6.84 -22.45 -15.21
C SER A 96 7.59 -23.23 -14.14
N ASP A 97 8.05 -24.43 -14.51
CA ASP A 97 8.54 -25.41 -13.54
C ASP A 97 10.04 -25.29 -13.26
N SER A 98 10.61 -24.09 -13.40
CA SER A 98 11.98 -23.84 -13.00
C SER A 98 11.96 -23.22 -11.60
N GLY A 99 12.48 -23.95 -10.63
CA GLY A 99 12.51 -23.48 -9.26
C GLY A 99 11.26 -23.83 -8.49
N VAL A 100 11.36 -23.66 -7.17
CA VAL A 100 10.29 -24.06 -6.26
C VAL A 100 9.29 -22.92 -6.12
N LEU A 101 8.03 -23.20 -6.42
CA LEU A 101 6.98 -22.19 -6.33
C LEU A 101 6.68 -21.93 -4.86
N ALA A 102 7.02 -20.74 -4.39
CA ALA A 102 6.90 -20.43 -2.97
C ALA A 102 5.47 -20.11 -2.60
N ASN A 103 4.97 -20.75 -1.55
CA ASN A 103 3.59 -20.56 -1.11
C ASN A 103 3.46 -19.22 -0.42
N THR A 104 2.82 -18.27 -1.08
CA THR A 104 2.58 -16.96 -0.50
C THR A 104 1.17 -16.89 0.06
N SER A 105 0.94 -15.92 0.94
CA SER A 105 -0.38 -15.74 1.51
C SER A 105 -0.53 -14.29 1.91
N LEU A 106 -1.77 -13.93 2.25
CA LEU A 106 -2.23 -12.58 2.50
C LEU A 106 -3.66 -12.72 2.98
N ASP A 107 -4.13 -11.74 3.74
CA ASP A 107 -5.52 -11.75 4.21
C ASP A 107 -6.26 -10.70 3.39
N PHE A 108 -6.96 -11.16 2.35
CA PHE A 108 -7.58 -10.24 1.39
C PHE A 108 -8.72 -9.47 2.01
N ASN A 109 -9.46 -10.08 2.94
CA ASN A 109 -10.54 -9.40 3.61
C ASN A 109 -10.07 -8.43 4.67
N PHE A 110 -8.80 -8.49 5.05
CA PHE A 110 -8.31 -7.64 6.12
C PHE A 110 -7.81 -6.31 5.59
N TYR A 111 -6.93 -6.34 4.59
CA TYR A 111 -6.34 -5.11 4.08
C TYR A 111 -7.32 -4.20 3.37
N SER A 112 -8.42 -4.73 2.84
CA SER A 112 -9.43 -3.88 2.25
C SER A 112 -10.18 -3.08 3.29
N LEU A 113 -10.10 -3.47 4.56
CA LEU A 113 -10.63 -2.70 5.65
C LEU A 113 -9.57 -2.31 6.67
N ALA A 114 -8.31 -2.69 6.47
CA ALA A 114 -7.24 -2.26 7.37
C ALA A 114 -6.89 -0.80 7.07
N CYS A 115 -7.77 0.08 7.51
CA CYS A 115 -7.52 1.52 7.51
C CYS A 115 -6.93 1.98 8.83
N PHE A 116 -5.89 1.28 9.27
CA PHE A 116 -5.18 1.61 10.49
C PHE A 116 -3.78 1.04 10.41
N THR A 117 -2.94 1.43 11.36
CA THR A 117 -1.54 1.06 11.33
C THR A 117 -1.22 -0.07 12.29
N TYR A 118 -1.76 -0.04 13.50
CA TYR A 118 -1.46 -1.05 14.50
C TYR A 118 -2.74 -1.79 14.83
N PHE A 119 -2.61 -3.08 15.08
CA PHE A 119 -3.78 -3.93 15.24
C PHE A 119 -3.45 -5.06 16.20
N ARG A 120 -4.17 -5.16 17.30
CA ARG A 120 -3.92 -6.24 18.26
C ARG A 120 -5.21 -6.98 18.52
N SER A 121 -5.14 -8.31 18.53
CA SER A 121 -6.31 -9.14 18.75
C SER A 121 -5.88 -10.54 19.10
N ASP A 122 -6.80 -11.28 19.73
CA ASP A 122 -6.61 -12.71 19.83
C ASP A 122 -6.94 -13.35 18.50
N LEU A 123 -6.70 -14.64 18.38
CA LEU A 123 -6.83 -15.29 17.09
C LEU A 123 -7.52 -16.62 17.29
N GLU A 124 -8.71 -16.78 16.72
CA GLU A 124 -9.37 -18.08 16.65
C GLU A 124 -9.00 -18.75 15.34
N VAL A 125 -8.37 -19.92 15.42
CA VAL A 125 -7.91 -20.63 14.24
C VAL A 125 -8.77 -21.85 14.04
N THR A 126 -9.49 -21.91 12.94
CA THR A 126 -10.21 -23.12 12.55
C THR A 126 -9.55 -23.71 11.33
N VAL A 127 -9.21 -24.99 11.38
CA VAL A 127 -8.43 -25.63 10.33
C VAL A 127 -9.30 -26.64 9.62
N VAL A 128 -9.98 -26.21 8.56
CA VAL A 128 -10.93 -27.05 7.84
C VAL A 128 -10.18 -27.91 6.84
N SER A 129 -10.48 -29.20 6.81
CA SER A 129 -9.86 -30.07 5.83
C SER A 129 -10.41 -29.82 4.43
N LEU A 130 -9.58 -30.12 3.43
CA LEU A 130 -9.96 -30.07 2.03
C LEU A 130 -9.79 -31.44 1.41
N GLU A 131 -10.18 -32.47 2.14
CA GLU A 131 -9.98 -33.84 1.73
C GLU A 131 -11.09 -34.66 2.37
N PRO A 132 -11.72 -35.57 1.62
CA PRO A 132 -12.78 -36.40 2.22
C PRO A 132 -12.19 -37.41 3.20
N ASP A 133 -12.71 -37.38 4.44
CA ASP A 133 -12.31 -38.29 5.51
C ASP A 133 -10.82 -38.22 5.80
N LEU A 134 -10.39 -37.06 6.28
CA LEU A 134 -9.01 -36.82 6.65
C LEU A 134 -8.92 -36.71 8.16
N GLU A 135 -8.13 -37.58 8.77
CA GLU A 135 -7.83 -37.51 10.21
C GLU A 135 -6.46 -36.88 10.34
N PHE A 136 -6.42 -35.59 10.62
CA PHE A 136 -5.19 -34.80 10.67
C PHE A 136 -5.00 -34.29 12.08
N ALA A 137 -4.01 -33.42 12.24
CA ALA A 137 -3.70 -32.85 13.53
C ALA A 137 -3.03 -31.52 13.31
N VAL A 138 -3.24 -30.58 14.21
CA VAL A 138 -2.84 -29.20 13.98
C VAL A 138 -1.82 -28.84 15.06
N GLY A 139 -0.54 -28.95 14.73
CA GLY A 139 0.48 -28.48 15.62
C GLY A 139 0.64 -26.98 15.53
N TRP A 140 1.46 -26.43 16.42
CA TRP A 140 1.59 -24.99 16.53
C TRP A 140 2.85 -24.66 17.32
N PHE A 141 3.46 -23.52 17.02
CA PHE A 141 4.51 -23.01 17.87
C PHE A 141 4.51 -21.50 17.88
N PRO A 142 4.73 -20.87 19.04
CA PRO A 142 4.43 -19.43 19.19
C PRO A 142 5.34 -18.52 18.40
N SER A 143 5.04 -17.23 18.44
CA SER A 143 5.87 -16.23 17.78
C SER A 143 7.19 -16.12 18.51
N GLY A 144 8.26 -16.64 17.90
CA GLY A 144 9.56 -16.65 18.51
C GLY A 144 10.06 -18.01 18.92
N SER A 145 9.36 -19.07 18.53
CA SER A 145 9.84 -20.43 18.70
C SER A 145 10.08 -21.04 17.32
N GLU A 146 10.71 -22.20 17.34
CA GLU A 146 11.10 -22.88 16.11
C GLU A 146 10.57 -24.30 16.14
N TYR A 147 10.61 -24.93 14.98
CA TYR A 147 10.04 -26.25 14.80
C TYR A 147 11.05 -27.33 15.17
N GLN A 148 10.56 -28.34 15.89
CA GLN A 148 11.41 -29.41 16.41
C GLN A 148 11.44 -30.53 15.37
N ALA A 149 12.53 -30.61 14.62
CA ALA A 149 12.53 -31.35 13.36
C ALA A 149 13.47 -32.55 13.42
N SER A 150 12.97 -33.65 13.95
CA SER A 150 13.65 -34.95 13.92
C SER A 150 12.60 -36.02 14.20
N SER A 151 13.06 -37.23 14.47
CA SER A 151 12.15 -38.34 14.76
C SER A 151 12.77 -39.22 15.83
N PHE A 152 11.94 -39.74 16.72
CA PHE A 152 12.38 -40.69 17.73
C PHE A 152 11.72 -42.04 17.48
N VAL A 153 12.53 -43.08 17.42
CA VAL A 153 12.08 -44.42 17.04
C VAL A 153 11.35 -45.03 18.23
N TYR A 154 10.02 -45.07 18.16
CA TYR A 154 9.21 -45.86 19.10
C TYR A 154 8.79 -47.13 18.38
N ASP A 155 9.26 -48.27 18.87
CA ASP A 155 8.82 -49.61 18.45
C ASP A 155 9.07 -49.82 16.95
N GLN A 156 10.28 -49.47 16.52
CA GLN A 156 10.73 -49.53 15.13
C GLN A 156 9.85 -48.72 14.18
N LEU A 157 9.28 -47.62 14.68
CA LEU A 157 8.46 -46.72 13.88
C LEU A 157 8.94 -45.31 14.14
N HIS A 158 9.35 -44.62 13.08
CA HIS A 158 9.90 -43.27 13.22
C HIS A 158 8.77 -42.29 13.52
N VAL A 159 8.40 -42.23 14.80
CA VAL A 159 7.47 -41.21 15.27
C VAL A 159 8.23 -39.90 15.38
N PRO A 160 7.81 -38.84 14.68
CA PRO A 160 8.56 -37.58 14.71
C PRO A 160 8.35 -36.85 16.02
N TYR A 161 9.17 -35.83 16.24
CA TYR A 161 9.04 -35.03 17.45
C TYR A 161 7.95 -33.98 17.37
N HIS A 162 7.21 -33.89 16.27
CA HIS A 162 6.09 -32.96 16.28
C HIS A 162 4.79 -33.61 16.71
N PHE A 163 4.84 -34.81 17.31
CA PHE A 163 3.63 -35.32 17.94
C PHE A 163 3.48 -34.78 19.36
N THR A 164 4.59 -34.56 20.06
CA THR A 164 4.52 -34.10 21.44
C THR A 164 5.11 -32.71 21.56
N GLY A 165 4.92 -32.11 22.71
CA GLY A 165 5.46 -30.79 22.97
C GLY A 165 4.65 -30.10 24.04
N ARG A 166 5.06 -28.87 24.32
CA ARG A 166 4.42 -28.06 25.34
C ARG A 166 3.43 -27.07 24.75
N THR A 167 3.31 -27.02 23.48
CA THR A 167 2.44 -26.21 22.64
C THR A 167 1.28 -27.05 22.12
N PRO A 168 0.10 -26.46 21.90
CA PRO A 168 -1.09 -27.27 21.60
C PRO A 168 -1.09 -28.01 20.28
N ARG A 169 -0.99 -29.33 20.33
CA ARG A 169 -1.23 -30.18 19.17
C ARG A 169 -2.63 -30.76 19.30
N ALA A 170 -3.60 -30.12 18.67
CA ALA A 170 -4.96 -30.60 18.70
C ALA A 170 -5.13 -31.68 17.64
N PHE A 171 -5.68 -32.82 18.04
CA PHE A 171 -5.93 -33.93 17.14
C PHE A 171 -7.38 -33.85 16.68
N ALA A 172 -7.60 -34.01 15.39
CA ALA A 172 -8.96 -33.96 14.86
C ALA A 172 -9.56 -35.36 14.80
N SER A 173 -10.85 -35.45 15.05
CA SER A 173 -11.55 -36.67 14.73
C SER A 173 -11.70 -36.79 13.22
N LYS A 174 -11.93 -38.01 12.75
CA LYS A 174 -12.01 -38.24 11.31
C LYS A 174 -13.29 -37.62 10.77
N GLY A 175 -13.14 -36.83 9.70
CA GLY A 175 -14.24 -36.05 9.19
C GLY A 175 -14.54 -34.80 9.98
N GLY A 176 -13.69 -34.44 10.94
CA GLY A 176 -13.91 -33.31 11.81
C GLY A 176 -12.95 -32.17 11.55
N LYS A 177 -13.03 -31.18 12.43
CA LYS A 177 -12.26 -29.95 12.31
C LYS A 177 -11.54 -29.68 13.62
N VAL A 178 -10.66 -28.69 13.58
CA VAL A 178 -9.91 -28.26 14.74
C VAL A 178 -10.14 -26.76 14.91
N SER A 179 -10.58 -26.34 16.09
CA SER A 179 -10.83 -24.93 16.35
C SER A 179 -10.36 -24.58 17.75
N PHE A 180 -9.50 -23.58 17.85
CA PHE A 180 -8.99 -23.14 19.14
C PHE A 180 -8.52 -21.70 19.03
N VAL A 181 -8.70 -20.94 20.09
CA VAL A 181 -8.34 -19.53 20.10
C VAL A 181 -6.99 -19.34 20.76
N LEU A 182 -6.10 -18.68 20.05
CA LEU A 182 -4.72 -18.37 20.39
C LEU A 182 -4.63 -16.98 20.98
N PRO A 183 -3.89 -16.79 22.06
CA PRO A 183 -3.76 -15.45 22.64
C PRO A 183 -2.69 -14.66 21.91
N TRP A 184 -2.62 -13.38 22.24
CA TRP A 184 -1.61 -12.50 21.67
C TRP A 184 -0.26 -12.83 22.30
N ASN A 185 0.60 -13.51 21.57
CA ASN A 185 1.83 -14.03 22.14
C ASN A 185 3.09 -13.38 21.60
N SER A 186 2.97 -12.45 20.67
CA SER A 186 4.16 -11.80 20.13
C SER A 186 4.78 -10.88 21.17
N VAL A 187 6.06 -10.59 20.98
CA VAL A 187 6.77 -9.72 21.91
C VAL A 187 6.47 -8.26 21.66
N SER A 188 6.02 -7.90 20.46
CA SER A 188 5.63 -6.53 20.20
C SER A 188 4.30 -6.26 20.89
N SER A 189 4.10 -5.00 21.28
CA SER A 189 2.87 -4.66 21.97
C SER A 189 1.67 -4.73 21.06
N VAL A 190 1.85 -4.42 19.77
CA VAL A 190 0.82 -4.52 18.74
C VAL A 190 1.42 -5.12 17.48
N LEU A 191 0.57 -5.49 16.54
CA LEU A 191 1.02 -5.96 15.24
C LEU A 191 0.98 -4.81 14.26
N PRO A 192 2.08 -4.45 13.64
CA PRO A 192 2.04 -3.38 12.64
C PRO A 192 1.47 -3.86 11.33
N VAL A 193 0.30 -3.35 10.98
CA VAL A 193 -0.24 -3.54 9.63
C VAL A 193 0.72 -2.96 8.61
N ARG A 194 1.17 -1.74 8.85
CA ARG A 194 2.19 -1.07 8.06
C ARG A 194 3.37 -0.79 8.96
N TRP A 195 4.56 -1.17 8.54
CA TRP A 195 5.72 -0.93 9.38
C TRP A 195 6.77 -0.24 8.55
N GLY A 196 7.44 0.74 9.14
CA GLY A 196 8.37 1.56 8.38
C GLY A 196 9.80 1.45 8.85
N GLY A 197 10.00 0.88 10.03
CA GLY A 197 11.33 0.71 10.56
C GLY A 197 12.07 -0.42 9.87
N ALA A 198 13.28 -0.68 10.35
CA ALA A 198 14.11 -1.74 9.83
C ALA A 198 14.31 -2.81 10.88
N SER A 199 14.15 -4.07 10.47
CA SER A 199 14.43 -5.16 11.38
C SER A 199 15.90 -5.52 11.34
N LYS A 200 16.62 -5.24 12.43
CA LYS A 200 18.03 -5.57 12.54
C LYS A 200 18.14 -7.09 12.70
N LEU A 201 18.06 -7.81 11.59
CA LEU A 201 18.10 -9.26 11.56
C LEU A 201 19.18 -9.67 10.57
N SER A 202 19.14 -10.95 10.18
CA SER A 202 19.70 -11.40 8.92
C SER A 202 19.27 -10.43 7.83
N SER A 203 20.22 -10.04 6.97
CA SER A 203 20.45 -8.65 6.52
C SER A 203 19.23 -7.73 6.42
N ALA A 204 19.36 -6.56 7.06
CA ALA A 204 18.23 -5.72 7.43
C ALA A 204 17.49 -5.13 6.25
N THR A 205 16.17 -5.27 6.27
CA THR A 205 15.33 -4.81 5.19
C THR A 205 14.26 -3.91 5.78
N ARG A 206 14.12 -2.72 5.20
CA ARG A 206 13.12 -1.76 5.66
C ARG A 206 11.71 -2.32 5.45
N GLY A 207 10.83 -1.97 6.38
CA GLY A 207 9.43 -2.28 6.19
C GLY A 207 9.04 -3.71 6.48
N LEU A 208 9.86 -4.45 7.22
CA LEU A 208 9.61 -5.87 7.49
C LEU A 208 9.63 -6.10 8.99
N PRO A 209 8.47 -6.26 9.63
CA PRO A 209 8.47 -6.52 11.06
C PRO A 209 8.89 -7.95 11.35
N ALA A 210 9.60 -8.12 12.45
CA ALA A 210 10.17 -9.42 12.78
C ALA A 210 9.20 -10.30 13.54
N HIS A 211 8.43 -9.74 14.46
CA HIS A 211 7.54 -10.52 15.29
C HIS A 211 6.11 -10.02 15.19
N ALA A 212 5.63 -9.82 13.97
CA ALA A 212 4.24 -9.48 13.74
C ALA A 212 3.53 -10.72 13.24
N ASP A 213 3.12 -11.57 14.19
CA ASP A 213 2.53 -12.86 13.92
C ASP A 213 1.91 -13.41 15.19
N TRP A 214 0.97 -14.33 15.03
CA TRP A 214 0.43 -15.09 16.14
C TRP A 214 1.06 -16.45 16.29
N GLY A 215 2.05 -16.77 15.47
CA GLY A 215 2.64 -18.10 15.55
C GLY A 215 2.75 -18.74 14.20
N THR A 216 2.69 -20.07 14.15
CA THR A 216 2.78 -20.81 12.90
C THR A 216 2.14 -22.16 13.12
N ILE A 217 1.08 -22.48 12.40
CA ILE A 217 0.52 -23.81 12.51
C ILE A 217 1.02 -24.64 11.35
N TYR A 218 0.87 -25.94 11.50
CA TYR A 218 1.22 -26.91 10.48
C TYR A 218 0.36 -28.13 10.73
N ALA A 219 -0.05 -28.79 9.67
CA ALA A 219 -0.91 -29.96 9.80
C ALA A 219 -0.09 -31.21 9.55
N PHE A 220 -0.25 -32.20 10.42
CA PHE A 220 0.39 -33.47 10.24
C PHE A 220 -0.63 -34.58 10.38
N ILE A 221 -0.29 -35.75 9.88
CA ILE A 221 -1.15 -36.93 9.96
C ILE A 221 -0.62 -37.82 11.07
N PRO A 222 -1.44 -38.20 12.05
CA PRO A 222 -0.93 -38.99 13.17
C PRO A 222 -0.66 -40.45 12.83
N ARG A 223 0.39 -40.68 12.06
CA ARG A 223 0.94 -42.00 11.78
C ARG A 223 2.45 -41.84 11.76
N PRO A 224 3.20 -42.90 12.07
CA PRO A 224 4.66 -42.80 11.93
C PRO A 224 5.13 -42.72 10.49
N ASN A 225 6.43 -42.54 10.27
CA ASN A 225 6.92 -42.25 8.92
C ASN A 225 6.93 -43.48 8.01
N GLU A 226 6.78 -44.68 8.56
CA GLU A 226 6.65 -45.86 7.71
C GLU A 226 5.28 -45.99 7.08
N LYS A 227 4.27 -45.32 7.64
CA LYS A 227 2.91 -45.35 7.10
C LYS A 227 2.64 -44.18 6.18
N LYS A 228 3.66 -43.73 5.45
CA LYS A 228 3.53 -42.56 4.59
C LYS A 228 2.68 -42.89 3.37
N SER A 229 1.72 -42.01 3.06
CA SER A 229 0.93 -42.16 1.86
C SER A 229 1.67 -41.52 0.68
N THR A 230 1.03 -41.56 -0.49
CA THR A 230 1.65 -41.08 -1.72
C THR A 230 1.10 -39.73 -2.16
N ALA A 231 -0.23 -39.61 -2.26
CA ALA A 231 -0.83 -38.39 -2.76
C ALA A 231 -0.74 -37.27 -1.73
N VAL A 232 -0.78 -36.04 -2.22
CA VAL A 232 -0.63 -34.85 -1.39
C VAL A 232 -2.00 -34.44 -0.88
N LYS A 233 -2.10 -34.23 0.43
CA LYS A 233 -3.35 -33.84 1.07
C LYS A 233 -3.22 -32.41 1.58
N HIS A 234 -4.23 -31.60 1.31
CA HIS A 234 -4.24 -30.20 1.70
C HIS A 234 -5.15 -29.98 2.90
N VAL A 235 -5.02 -28.82 3.52
CA VAL A 235 -5.91 -28.42 4.59
C VAL A 235 -6.01 -26.90 4.54
N ALA A 236 -7.15 -26.37 4.95
CA ALA A 236 -7.43 -24.94 4.82
C ALA A 236 -7.56 -24.33 6.19
N VAL A 237 -6.99 -23.15 6.37
CA VAL A 237 -6.84 -22.54 7.69
C VAL A 237 -7.70 -21.30 7.75
N TYR A 238 -8.76 -21.33 8.53
CA TYR A 238 -9.58 -20.14 8.70
C TYR A 238 -9.17 -19.46 9.99
N ILE A 239 -9.44 -18.16 10.06
CA ILE A 239 -8.89 -17.30 11.10
C ILE A 239 -9.89 -16.20 11.45
N ARG A 240 -10.05 -15.98 12.75
CA ARG A 240 -10.97 -14.99 13.29
C ARG A 240 -10.23 -14.16 14.32
N TYR A 241 -10.39 -12.84 14.27
CA TYR A 241 -9.68 -11.94 15.16
C TYR A 241 -10.58 -11.62 16.35
N LYS A 242 -10.44 -12.40 17.42
CA LYS A 242 -11.22 -12.14 18.62
C LYS A 242 -10.67 -10.92 19.37
N ASN A 243 -11.59 -10.08 19.84
CA ASN A 243 -11.31 -8.93 20.71
C ASN A 243 -10.32 -7.96 20.07
N ALA A 244 -10.68 -7.47 18.90
CA ALA A 244 -9.76 -6.67 18.12
C ALA A 244 -9.74 -5.24 18.60
N ARG A 245 -8.53 -4.68 18.66
CA ARG A 245 -8.33 -3.26 18.89
C ARG A 245 -7.47 -2.74 17.76
N ALA A 246 -7.70 -1.49 17.36
CA ALA A 246 -6.91 -0.93 16.27
C ALA A 246 -6.60 0.53 16.56
N TRP A 247 -5.40 0.95 16.20
CA TRP A 247 -4.90 2.28 16.48
C TRP A 247 -4.45 2.96 15.19
N CYS A 248 -4.33 4.29 15.26
CA CYS A 248 -3.62 5.14 14.30
C CYS A 248 -4.09 5.01 12.85
N PRO A 249 -5.19 5.70 12.47
CA PRO A 249 -5.77 5.57 11.14
C PRO A 249 -4.81 5.78 9.97
N SER A 250 -5.03 5.04 8.91
CA SER A 250 -4.15 5.04 7.75
C SER A 250 -4.99 4.78 6.51
N MET A 251 -4.34 4.40 5.41
CA MET A 251 -4.94 4.34 4.10
C MET A 251 -5.54 2.98 3.80
N LEU A 252 -6.40 2.94 2.81
CA LEU A 252 -6.96 1.74 2.20
C LEU A 252 -6.36 1.55 0.80
N PRO A 253 -6.28 0.31 0.29
CA PRO A 253 -5.49 0.08 -0.92
C PRO A 253 -6.09 0.71 -2.17
N PHE A 254 -5.22 0.93 -3.14
CA PHE A 254 -5.56 1.72 -4.31
C PHE A 254 -6.38 0.88 -5.28
N ARG A 255 -7.67 1.16 -5.35
CA ARG A 255 -8.54 0.53 -6.32
C ARG A 255 -8.33 1.19 -7.68
N SER A 256 -7.92 0.40 -8.67
CA SER A 256 -7.54 0.96 -9.96
C SER A 256 -8.77 1.40 -10.75
N TYR A 257 -8.52 2.01 -11.91
CA TYR A 257 -9.59 2.59 -12.71
C TYR A 257 -9.73 1.97 -14.09
N LYS A 258 -8.96 0.94 -14.42
CA LYS A 258 -9.06 0.34 -15.74
C LYS A 258 -10.28 -0.56 -15.83
N GLY B 1 -27.14 -38.29 37.02
CA GLY B 1 -26.04 -38.68 36.17
C GLY B 1 -26.04 -37.97 34.83
N PRO B 2 -26.27 -38.73 33.75
CA PRO B 2 -26.24 -38.12 32.42
C PRO B 2 -27.44 -37.21 32.20
N ILE B 3 -27.17 -35.97 31.82
CA ILE B 3 -28.21 -35.03 31.41
C ILE B 3 -28.65 -35.40 30.00
N PRO B 4 -29.90 -35.77 29.79
CA PRO B 4 -30.32 -36.23 28.46
C PRO B 4 -30.54 -35.08 27.51
N THR B 5 -29.60 -34.92 26.58
CA THR B 5 -29.67 -33.83 25.63
C THR B 5 -30.23 -34.32 24.31
N ALA B 6 -30.29 -33.42 23.33
CA ALA B 6 -30.80 -33.75 22.01
C ALA B 6 -30.17 -32.78 21.04
N PRO B 7 -29.04 -33.14 20.44
CA PRO B 7 -28.34 -32.20 19.56
C PRO B 7 -29.10 -31.95 18.27
N ARG B 8 -29.01 -30.71 17.80
CA ARG B 8 -29.88 -30.23 16.74
C ARG B 8 -29.36 -30.68 15.37
N GLU B 9 -29.99 -30.19 14.31
CA GLU B 9 -29.60 -30.56 12.96
C GLU B 9 -28.32 -29.89 12.52
N ASN B 10 -27.94 -28.78 13.15
CA ASN B 10 -26.72 -28.05 12.86
C ASN B 10 -25.60 -28.44 13.81
N SER B 11 -25.57 -29.71 14.21
CA SER B 11 -24.48 -30.22 15.02
C SER B 11 -23.24 -30.39 14.17
N LEU B 12 -22.09 -30.06 14.76
CA LEU B 12 -20.77 -30.17 14.15
C LEU B 12 -20.65 -29.34 12.88
N MET B 13 -21.45 -28.27 12.79
CA MET B 13 -21.38 -27.32 11.70
C MET B 13 -20.41 -26.23 12.07
N PHE B 14 -19.50 -25.91 11.16
CA PHE B 14 -18.64 -24.75 11.30
C PHE B 14 -19.26 -23.60 10.55
N LEU B 15 -19.84 -22.66 11.28
CA LEU B 15 -20.34 -21.41 10.71
C LEU B 15 -19.31 -20.35 10.99
N SER B 16 -18.98 -19.55 9.97
CA SER B 16 -17.83 -18.67 10.08
C SER B 16 -18.07 -17.51 11.02
N THR B 17 -19.29 -16.99 11.07
CA THR B 17 -19.60 -15.81 11.88
C THR B 17 -20.55 -16.13 13.02
N THR B 18 -20.29 -17.21 13.73
CA THR B 18 -21.12 -17.55 14.89
C THR B 18 -20.85 -16.55 15.99
N PRO B 19 -21.86 -15.86 16.50
CA PRO B 19 -21.63 -14.84 17.53
C PRO B 19 -21.30 -15.43 18.89
N ASP B 20 -20.16 -16.10 19.01
CA ASP B 20 -19.87 -16.90 20.19
C ASP B 20 -18.39 -17.19 20.22
N ASP B 21 -17.91 -17.62 21.39
CA ASP B 21 -16.50 -17.89 21.61
C ASP B 21 -16.17 -19.32 21.20
N THR B 22 -14.98 -19.78 21.58
CA THR B 22 -14.55 -21.15 21.36
C THR B 22 -13.58 -21.52 22.46
N VAL B 23 -13.06 -22.74 22.41
CA VAL B 23 -12.23 -23.26 23.50
C VAL B 23 -10.84 -22.63 23.42
N PRO B 24 -10.29 -22.17 24.54
CA PRO B 24 -8.91 -21.70 24.54
C PRO B 24 -7.94 -22.85 24.37
N ALA B 25 -6.75 -22.51 24.03
CA ALA B 25 -5.76 -23.56 23.95
C ALA B 25 -4.53 -23.29 24.80
N TYR B 26 -4.07 -22.05 24.86
CA TYR B 26 -2.77 -21.76 25.40
C TYR B 26 -2.86 -20.52 26.29
N GLY B 27 -3.84 -20.53 27.20
CA GLY B 27 -4.23 -19.33 27.89
C GLY B 27 -3.25 -18.91 28.98
N ASN B 28 -3.75 -17.98 29.82
CA ASN B 28 -3.00 -17.31 30.88
C ASN B 28 -1.77 -16.62 30.32
N VAL B 29 -1.98 -15.85 29.26
CA VAL B 29 -0.92 -15.06 28.63
C VAL B 29 -1.23 -13.61 28.92
N ARG B 30 -0.42 -12.99 29.78
CA ARG B 30 -0.44 -11.56 29.97
C ARG B 30 0.26 -10.89 28.79
N THR B 31 -0.41 -10.13 28.10
CA THR B 31 0.11 -9.40 26.96
C THR B 31 0.72 -8.08 27.41
N PRO B 32 1.72 -7.55 26.71
CA PRO B 32 2.28 -6.27 27.11
C PRO B 32 1.33 -5.13 26.81
N PRO B 33 1.23 -4.14 27.69
CA PRO B 33 0.11 -3.21 27.64
C PRO B 33 0.27 -2.17 26.54
N VAL B 34 -0.88 -1.71 26.06
CA VAL B 34 -0.95 -0.76 24.96
C VAL B 34 -1.56 0.53 25.47
N ASN B 35 -1.29 0.85 26.74
CA ASN B 35 -1.72 2.13 27.29
C ASN B 35 -0.98 3.30 26.68
N TYR B 36 0.17 3.06 26.07
CA TYR B 36 0.96 4.16 25.53
C TYR B 36 0.46 4.61 24.16
N LEU B 37 -0.22 3.76 23.42
CA LEU B 37 -0.59 4.12 22.05
C LEU B 37 -1.76 5.08 22.05
N PRO B 38 -1.64 6.22 21.38
CA PRO B 38 -2.75 7.15 21.26
C PRO B 38 -3.53 6.86 19.99
N GLY B 39 -4.72 7.46 19.93
CA GLY B 39 -5.52 7.40 18.73
C GLY B 39 -6.06 6.03 18.43
N GLU B 40 -6.92 5.51 19.29
CA GLU B 40 -7.51 4.21 19.05
C GLU B 40 -8.79 4.37 18.25
N ILE B 41 -8.88 3.66 17.14
CA ILE B 41 -10.12 3.61 16.38
C ILE B 41 -11.11 2.75 17.14
N THR B 42 -12.06 3.38 17.82
CA THR B 42 -13.11 2.62 18.47
C THR B 42 -14.13 2.15 17.43
N ASP B 43 -14.27 2.87 16.33
CA ASP B 43 -15.36 2.67 15.39
C ASP B 43 -14.87 3.13 14.03
N LEU B 44 -15.17 2.36 12.99
CA LEU B 44 -14.69 2.75 11.66
C LEU B 44 -15.43 3.93 11.05
N LEU B 45 -16.45 4.46 11.71
CA LEU B 45 -17.05 5.73 11.31
C LEU B 45 -16.29 6.93 11.84
N GLN B 46 -15.16 6.72 12.49
CA GLN B 46 -14.26 7.83 12.77
C GLN B 46 -13.37 8.15 11.61
N LEU B 47 -13.49 7.42 10.51
CA LEU B 47 -12.65 7.58 9.35
C LEU B 47 -13.42 7.90 8.09
N ALA B 48 -14.67 7.50 7.98
CA ALA B 48 -15.52 8.03 6.93
C ALA B 48 -15.74 9.51 7.14
N ARG B 49 -15.76 9.97 8.39
CA ARG B 49 -15.94 11.38 8.68
C ARG B 49 -14.70 12.21 8.37
N ILE B 50 -13.56 11.58 8.14
CA ILE B 50 -12.35 12.32 7.76
C ILE B 50 -12.37 12.51 6.24
N PRO B 51 -12.31 13.74 5.75
CA PRO B 51 -12.51 13.98 4.32
C PRO B 51 -11.29 13.61 3.50
N THR B 52 -11.51 12.81 2.47
CA THR B 52 -10.47 12.37 1.57
C THR B 52 -10.79 12.85 0.16
N LEU B 53 -9.82 12.72 -0.72
CA LEU B 53 -9.89 13.30 -2.05
C LEU B 53 -10.71 12.43 -2.98
N MET B 54 -11.28 13.06 -3.99
CA MET B 54 -11.99 12.36 -5.04
C MET B 54 -11.07 12.27 -6.26
N ALA B 55 -11.59 11.72 -7.36
CA ALA B 55 -10.76 11.52 -8.54
C ALA B 55 -11.59 11.75 -9.78
N PHE B 56 -11.26 12.79 -10.52
CA PHE B 56 -12.00 13.14 -11.72
C PHE B 56 -11.14 12.92 -12.95
N GLY B 57 -11.74 12.34 -13.97
CA GLY B 57 -11.06 12.16 -15.23
C GLY B 57 -10.72 13.50 -15.84
N ARG B 58 -9.45 13.68 -16.20
CA ARG B 58 -8.99 14.93 -16.79
C ARG B 58 -9.66 15.14 -18.15
N VAL B 59 -9.82 16.41 -18.52
CA VAL B 59 -10.38 16.90 -19.78
C VAL B 59 -9.73 16.17 -20.95
N ASP B 67 -4.21 5.81 -16.20
CA ASP B 67 -4.63 5.86 -14.79
C ASP B 67 -4.13 7.14 -14.11
N ALA B 68 -4.09 8.24 -14.88
CA ALA B 68 -3.67 9.55 -14.39
C ALA B 68 -4.93 10.39 -14.21
N TYR B 69 -5.51 10.30 -13.03
CA TYR B 69 -6.67 11.09 -12.67
C TYR B 69 -6.26 12.20 -11.72
N VAL B 70 -7.21 13.10 -11.48
CA VAL B 70 -6.91 14.40 -10.89
C VAL B 70 -7.93 14.69 -9.80
N PRO B 71 -7.51 15.07 -8.60
CA PRO B 71 -8.47 15.33 -7.51
C PRO B 71 -9.20 16.66 -7.62
N TYR B 72 -8.90 17.50 -8.60
CA TYR B 72 -9.48 18.83 -8.70
C TYR B 72 -10.19 19.01 -10.04
N VAL B 73 -10.91 20.12 -10.15
CA VAL B 73 -11.64 20.47 -11.36
C VAL B 73 -11.04 21.74 -11.91
N ALA B 74 -10.38 21.64 -13.05
CA ALA B 74 -9.88 22.83 -13.71
C ALA B 74 -11.04 23.62 -14.26
N VAL B 75 -11.02 24.94 -14.04
CA VAL B 75 -12.15 25.80 -14.34
C VAL B 75 -11.85 26.64 -15.58
N PRO B 76 -12.38 26.30 -16.75
CA PRO B 76 -12.06 27.06 -17.95
C PRO B 76 -12.74 28.42 -17.94
N THR B 77 -12.19 29.32 -18.76
CA THR B 77 -12.70 30.66 -18.89
C THR B 77 -13.81 30.77 -19.93
N GLN B 78 -14.23 29.66 -20.53
CA GLN B 78 -15.22 29.68 -21.59
C GLN B 78 -16.61 29.42 -21.02
N PHE B 79 -17.56 30.26 -21.39
CA PHE B 79 -18.93 30.14 -20.91
C PHE B 79 -19.61 28.94 -21.54
N ASP B 80 -20.31 28.17 -20.71
CA ASP B 80 -21.12 27.06 -21.17
C ASP B 80 -22.18 26.80 -20.12
N ASP B 81 -23.40 26.51 -20.56
CA ASP B 81 -24.50 26.28 -19.64
C ASP B 81 -24.71 24.79 -19.39
N LYS B 82 -23.64 24.15 -18.94
CA LYS B 82 -23.64 22.78 -18.47
C LYS B 82 -22.81 22.78 -17.20
N PRO B 83 -22.97 21.78 -16.32
CA PRO B 83 -22.19 21.79 -15.09
C PRO B 83 -20.73 21.55 -15.36
N LEU B 84 -19.90 22.20 -14.57
CA LEU B 84 -18.45 22.12 -14.75
C LEU B 84 -17.94 20.73 -14.42
N ILE B 85 -18.52 20.11 -13.41
CA ILE B 85 -18.30 18.70 -13.14
C ILE B 85 -19.62 18.16 -12.61
N SER B 86 -19.91 16.90 -12.92
CA SER B 86 -21.16 16.31 -12.48
C SER B 86 -20.94 14.82 -12.31
N PHE B 87 -21.38 14.29 -11.18
CA PHE B 87 -21.13 12.89 -10.92
C PHE B 87 -22.27 12.33 -10.09
N PRO B 88 -22.71 11.11 -10.36
CA PRO B 88 -23.87 10.59 -9.65
C PRO B 88 -23.52 10.19 -8.24
N ILE B 89 -24.48 10.39 -7.34
CA ILE B 89 -24.28 10.09 -5.92
C ILE B 89 -24.58 8.61 -5.76
N THR B 90 -23.54 7.81 -5.96
CA THR B 90 -23.57 6.37 -5.85
C THR B 90 -22.20 5.98 -5.38
N LEU B 91 -22.11 5.22 -4.29
CA LEU B 91 -20.80 4.99 -3.72
C LEU B 91 -20.05 3.85 -4.39
N SER B 92 -20.49 3.40 -5.56
CA SER B 92 -19.71 2.56 -6.43
C SER B 92 -19.17 3.33 -7.63
N ASP B 93 -19.48 4.61 -7.73
CA ASP B 93 -19.04 5.40 -8.87
C ASP B 93 -17.54 5.65 -8.76
N PRO B 94 -16.81 5.66 -9.88
CA PRO B 94 -15.35 5.78 -9.79
C PRO B 94 -14.80 7.15 -9.41
N VAL B 95 -15.63 8.06 -8.93
CA VAL B 95 -15.12 9.26 -8.29
C VAL B 95 -15.22 9.04 -6.79
N TYR B 96 -15.57 7.82 -6.39
CA TYR B 96 -15.68 7.46 -4.99
C TYR B 96 -14.93 6.19 -4.63
N GLN B 97 -14.08 5.67 -5.51
CA GLN B 97 -13.39 4.42 -5.19
C GLN B 97 -12.32 4.64 -4.13
N ASN B 98 -11.59 5.74 -4.22
CA ASN B 98 -10.46 5.99 -3.34
C ASN B 98 -10.73 7.10 -2.34
N THR B 99 -11.98 7.30 -1.96
CA THR B 99 -12.27 8.04 -0.76
C THR B 99 -12.34 7.06 0.39
N LEU B 100 -12.24 7.58 1.62
CA LEU B 100 -12.52 6.67 2.73
C LEU B 100 -13.99 6.44 2.93
N VAL B 101 -14.84 7.30 2.39
CA VAL B 101 -16.26 7.02 2.43
C VAL B 101 -16.59 5.89 1.48
N GLY B 102 -16.16 5.99 0.24
CA GLY B 102 -16.53 5.00 -0.73
C GLY B 102 -15.73 3.73 -0.72
N ALA B 103 -14.65 3.65 0.06
CA ALA B 103 -13.91 2.41 0.15
C ALA B 103 -14.14 1.68 1.46
N ILE B 104 -14.66 2.34 2.47
CA ILE B 104 -15.20 1.61 3.61
C ILE B 104 -16.59 1.08 3.27
N SER B 105 -17.41 1.90 2.62
CA SER B 105 -18.79 1.53 2.33
C SER B 105 -18.90 0.50 1.23
N SER B 106 -17.93 0.40 0.33
CA SER B 106 -17.98 -0.65 -0.66
C SER B 106 -17.69 -2.01 -0.06
N ASN B 107 -17.16 -2.06 1.16
CA ASN B 107 -16.97 -3.29 1.90
C ASN B 107 -18.15 -3.63 2.77
N PHE B 108 -19.24 -2.88 2.66
CA PHE B 108 -20.49 -3.09 3.37
C PHE B 108 -21.59 -3.30 2.35
N ALA B 109 -22.83 -3.41 2.80
CA ALA B 109 -23.93 -3.65 1.89
C ALA B 109 -24.98 -2.56 1.89
N ASN B 110 -25.13 -1.83 2.98
CA ASN B 110 -26.09 -0.75 3.06
C ASN B 110 -25.43 0.48 3.65
N TYR B 111 -25.99 1.65 3.40
CA TYR B 111 -25.58 2.85 4.11
C TYR B 111 -26.81 3.70 4.37
N ARG B 112 -26.63 4.72 5.18
CA ARG B 112 -27.73 5.59 5.59
C ARG B 112 -27.18 6.90 6.09
N GLY B 113 -27.51 7.99 5.44
CA GLY B 113 -27.11 9.26 5.97
C GLY B 113 -26.58 10.16 4.89
N CYS B 114 -25.78 11.11 5.30
CA CYS B 114 -25.44 12.27 4.50
C CYS B 114 -23.98 12.21 4.07
N ILE B 115 -23.75 12.05 2.77
CA ILE B 115 -22.43 12.31 2.22
C ILE B 115 -22.16 13.81 2.29
N GLN B 116 -20.95 14.18 2.66
CA GLN B 116 -20.60 15.58 2.82
C GLN B 116 -19.47 15.92 1.86
N ILE B 117 -19.80 16.62 0.77
CA ILE B 117 -18.82 17.00 -0.23
C ILE B 117 -18.22 18.33 0.15
N THR B 118 -16.94 18.33 0.52
CA THR B 118 -16.22 19.54 0.86
C THR B 118 -15.46 20.02 -0.37
N LEU B 119 -15.55 21.31 -0.65
CA LEU B 119 -14.78 21.90 -1.74
C LEU B 119 -13.65 22.73 -1.15
N THR B 120 -12.74 23.15 -2.02
CA THR B 120 -11.71 24.11 -1.65
C THR B 120 -11.29 24.82 -2.93
N PHE B 121 -11.31 26.14 -2.92
CA PHE B 121 -10.86 26.89 -4.09
C PHE B 121 -9.37 27.11 -3.93
N CYS B 122 -8.57 26.34 -4.66
CA CYS B 122 -7.11 26.43 -4.59
C CYS B 122 -6.53 27.39 -5.61
N GLY B 123 -7.28 28.40 -6.02
CA GLY B 123 -6.76 29.40 -6.92
C GLY B 123 -6.02 30.49 -6.18
N PRO B 124 -5.76 31.61 -6.84
CA PRO B 124 -5.08 32.72 -6.18
C PRO B 124 -6.01 33.43 -5.22
N MET B 125 -5.42 34.25 -4.35
CA MET B 125 -6.23 34.93 -3.34
C MET B 125 -7.04 36.06 -3.93
N MET B 126 -6.61 36.61 -5.06
CA MET B 126 -7.23 37.76 -5.67
C MET B 126 -8.37 37.40 -6.60
N ALA B 127 -8.76 36.13 -6.66
CA ALA B 127 -9.88 35.71 -7.49
C ALA B 127 -11.19 35.90 -6.76
N ARG B 128 -12.21 36.34 -7.49
CA ARG B 128 -13.55 36.50 -6.96
C ARG B 128 -14.50 35.78 -7.90
N GLY B 129 -15.35 34.93 -7.35
CA GLY B 129 -16.30 34.22 -8.18
C GLY B 129 -17.33 33.53 -7.32
N LYS B 130 -18.32 32.96 -7.98
CA LYS B 130 -19.38 32.23 -7.31
C LYS B 130 -19.64 30.93 -8.04
N PHE B 131 -20.08 29.92 -7.28
CA PHE B 131 -20.34 28.61 -7.81
C PHE B 131 -21.66 28.10 -7.28
N LEU B 132 -22.52 27.61 -8.16
CA LEU B 132 -23.76 26.98 -7.74
C LEU B 132 -23.52 25.49 -7.64
N LEU B 133 -24.11 24.87 -6.62
CA LEU B 133 -23.80 23.51 -6.19
C LEU B 133 -25.07 22.70 -6.05
N SER B 134 -25.54 22.09 -7.11
CA SER B 134 -26.88 21.50 -7.11
C SER B 134 -26.80 20.00 -6.97
N TYR B 135 -27.54 19.47 -6.00
CA TYR B 135 -27.82 18.05 -5.89
C TYR B 135 -29.22 17.78 -6.40
N SER B 136 -29.31 17.13 -7.54
CA SER B 136 -30.63 16.74 -8.00
C SER B 136 -30.98 15.36 -7.48
N PRO B 137 -32.20 15.15 -7.02
CA PRO B 137 -32.69 13.80 -6.80
C PRO B 137 -32.86 13.07 -8.11
N PRO B 138 -33.03 11.74 -8.12
CA PRO B 138 -33.12 11.02 -9.40
C PRO B 138 -34.34 11.39 -10.22
N ASN B 139 -34.05 12.03 -11.34
CA ASN B 139 -34.98 12.41 -12.37
C ASN B 139 -34.76 11.49 -13.56
N GLY B 140 -35.63 11.56 -14.56
CA GLY B 140 -35.41 10.77 -15.75
C GLY B 140 -34.27 11.26 -16.60
N THR B 141 -33.89 12.52 -16.45
CA THR B 141 -32.84 13.14 -17.26
C THR B 141 -31.93 13.93 -16.33
N GLN B 142 -30.63 13.80 -16.53
CA GLN B 142 -29.68 14.53 -15.70
C GLN B 142 -29.75 16.02 -16.00
N PRO B 143 -29.93 16.88 -15.00
CA PRO B 143 -30.06 18.32 -15.27
C PRO B 143 -28.73 18.93 -15.65
N GLN B 144 -28.74 19.64 -16.77
CA GLN B 144 -27.53 20.26 -17.31
C GLN B 144 -27.59 21.77 -17.31
N THR B 145 -28.73 22.35 -17.67
CA THR B 145 -28.90 23.79 -17.64
C THR B 145 -28.83 24.31 -16.21
N LEU B 146 -28.31 25.52 -16.05
CA LEU B 146 -28.31 26.15 -14.73
C LEU B 146 -29.72 26.37 -14.22
N SER B 147 -30.66 26.66 -15.12
CA SER B 147 -32.05 26.83 -14.73
C SER B 147 -32.73 25.53 -14.38
N GLU B 148 -32.23 24.40 -14.89
CA GLU B 148 -32.74 23.10 -14.45
C GLU B 148 -32.11 22.67 -13.14
N ALA B 149 -31.01 23.28 -12.74
CA ALA B 149 -30.34 22.93 -11.50
C ALA B 149 -30.52 23.97 -10.42
N MET B 150 -31.01 25.15 -10.78
CA MET B 150 -31.47 26.12 -9.79
C MET B 150 -32.66 25.61 -9.02
N GLN B 151 -33.46 24.73 -9.62
CA GLN B 151 -34.69 24.29 -9.02
C GLN B 151 -34.49 23.16 -8.01
N CYS B 152 -33.38 22.44 -8.11
CA CYS B 152 -33.08 21.34 -7.21
C CYS B 152 -32.52 21.87 -5.90
N THR B 153 -31.90 20.99 -5.11
CA THR B 153 -31.26 21.39 -3.86
C THR B 153 -29.92 22.01 -4.19
N TYR B 154 -29.81 23.31 -4.14
CA TYR B 154 -28.57 23.98 -4.50
C TYR B 154 -28.08 24.83 -3.33
N SER B 155 -26.91 25.42 -3.51
CA SER B 155 -26.36 26.42 -2.61
C SER B 155 -25.24 27.15 -3.32
N ILE B 156 -25.21 28.46 -3.18
CA ILE B 156 -24.28 29.33 -3.89
C ILE B 156 -23.07 29.58 -3.01
N TRP B 157 -21.88 29.36 -3.55
CA TRP B 157 -20.64 29.47 -2.79
C TRP B 157 -19.83 30.63 -3.31
N ASP B 158 -19.66 31.66 -2.47
CA ASP B 158 -18.92 32.85 -2.85
C ASP B 158 -17.47 32.72 -2.40
N ILE B 159 -16.54 32.87 -3.33
CA ILE B 159 -15.13 32.77 -3.03
C ILE B 159 -14.69 34.04 -2.34
N GLY B 160 -14.05 33.90 -1.19
CA GLY B 160 -13.64 35.05 -0.40
C GLY B 160 -12.46 34.71 0.47
N LEU B 161 -12.51 35.16 1.73
CA LEU B 161 -11.42 34.90 2.66
C LEU B 161 -11.36 33.43 3.03
N ASN B 162 -12.46 32.89 3.55
CA ASN B 162 -12.53 31.48 3.86
C ASN B 162 -12.73 30.69 2.58
N SER B 163 -11.95 29.63 2.40
CA SER B 163 -11.87 28.99 1.10
C SER B 163 -12.30 27.54 1.12
N SER B 164 -13.43 27.25 1.74
CA SER B 164 -13.98 25.90 1.70
C SER B 164 -15.47 25.96 1.90
N TRP B 165 -16.18 24.99 1.35
CA TRP B 165 -17.62 24.93 1.44
C TRP B 165 -18.03 23.48 1.53
N THR B 166 -18.81 23.13 2.54
CA THR B 166 -19.17 21.75 2.79
C THR B 166 -20.64 21.55 2.44
N PHE B 167 -20.89 21.24 1.17
CA PHE B 167 -22.25 20.95 0.72
C PHE B 167 -22.65 19.59 1.23
N VAL B 168 -23.60 19.53 2.15
CA VAL B 168 -24.04 18.27 2.72
C VAL B 168 -25.20 17.75 1.91
N ILE B 169 -24.97 16.63 1.22
CA ILE B 169 -25.98 15.99 0.38
C ILE B 169 -27.03 15.35 1.27
N PRO B 170 -28.31 15.69 1.10
CA PRO B 170 -29.34 15.12 1.96
C PRO B 170 -29.55 13.65 1.66
N TYR B 171 -30.15 12.97 2.62
CA TYR B 171 -30.51 11.57 2.43
C TYR B 171 -31.98 11.55 2.04
N ILE B 172 -32.23 11.64 0.75
CA ILE B 172 -33.58 11.59 0.23
C ILE B 172 -33.71 10.24 -0.48
N SER B 173 -34.41 9.31 0.16
CA SER B 173 -34.59 7.97 -0.37
C SER B 173 -35.81 7.38 0.30
N PRO B 174 -36.57 6.55 -0.41
CA PRO B 174 -37.70 5.87 0.25
C PRO B 174 -37.26 4.87 1.30
N SER B 175 -36.36 3.96 0.92
CA SER B 175 -35.86 2.95 1.84
C SER B 175 -34.94 3.58 2.87
N ASP B 176 -34.99 3.04 4.08
CA ASP B 176 -34.20 3.62 5.18
C ASP B 176 -32.71 3.43 4.99
N TYR B 177 -32.30 2.40 4.27
CA TYR B 177 -30.88 2.14 4.03
C TYR B 177 -30.69 1.94 2.55
N ARG B 178 -29.93 2.83 1.91
CA ARG B 178 -29.69 2.67 0.50
C ARG B 178 -28.65 1.61 0.24
N GLU B 179 -28.73 1.00 -0.94
CA GLU B 179 -27.73 0.02 -1.34
C GLU B 179 -26.45 0.76 -1.70
N THR B 180 -25.33 0.31 -1.13
CA THR B 180 -24.06 0.98 -1.30
C THR B 180 -23.36 0.63 -2.61
N ARG B 181 -23.96 -0.21 -3.43
CA ARG B 181 -23.27 -0.71 -4.62
C ARG B 181 -24.33 -0.92 -5.68
N ALA B 182 -24.42 0.00 -6.63
CA ALA B 182 -25.45 -0.07 -7.64
C ALA B 182 -25.05 -0.88 -8.85
N ILE B 183 -24.11 -1.83 -8.72
CA ILE B 183 -23.80 -2.69 -9.83
C ILE B 183 -24.95 -3.69 -10.00
N THR B 184 -25.88 -3.32 -10.87
CA THR B 184 -27.18 -3.96 -11.05
C THR B 184 -27.55 -3.53 -12.47
N ASN B 185 -28.58 -4.13 -13.08
CA ASN B 185 -29.11 -3.65 -14.37
C ASN B 185 -29.50 -2.18 -14.23
N SER B 186 -28.78 -1.32 -14.93
CA SER B 186 -28.71 0.10 -14.57
C SER B 186 -29.57 1.03 -15.41
N VAL B 187 -29.92 2.15 -14.79
CA VAL B 187 -30.64 3.24 -15.44
C VAL B 187 -29.94 4.52 -15.03
N TYR B 188 -30.54 5.67 -15.35
CA TYR B 188 -30.16 6.95 -14.76
C TYR B 188 -30.23 6.83 -13.26
N SER B 189 -29.06 6.93 -12.62
CA SER B 189 -28.84 6.29 -11.33
C SER B 189 -29.37 7.13 -10.17
N ALA B 190 -30.28 6.55 -9.41
CA ALA B 190 -30.42 6.91 -8.01
C ALA B 190 -29.08 6.65 -7.31
N ASP B 191 -28.69 7.54 -6.40
CA ASP B 191 -29.46 8.66 -5.87
C ASP B 191 -29.12 10.00 -6.53
N GLY B 192 -29.37 10.14 -7.82
CA GLY B 192 -29.30 11.46 -8.41
C GLY B 192 -27.88 11.92 -8.67
N TRP B 193 -27.74 13.22 -8.89
CA TRP B 193 -26.51 13.80 -9.40
C TRP B 193 -26.10 15.03 -8.61
N PHE B 194 -24.84 15.07 -8.17
CA PHE B 194 -24.22 16.31 -7.77
C PHE B 194 -23.71 17.02 -9.02
N SER B 195 -23.67 18.35 -8.97
CA SER B 195 -23.23 19.12 -10.12
C SER B 195 -22.74 20.49 -9.67
N LEU B 196 -21.53 20.84 -10.08
CA LEU B 196 -20.89 22.12 -9.73
C LEU B 196 -21.02 23.04 -10.94
N HIS B 197 -21.94 23.99 -10.86
CA HIS B 197 -22.10 25.01 -11.88
C HIS B 197 -21.37 26.28 -11.49
N LYS B 198 -20.65 26.86 -12.43
CA LYS B 198 -20.10 28.19 -12.21
C LYS B 198 -21.18 29.22 -12.54
N LEU B 199 -21.53 30.03 -11.56
CA LEU B 199 -22.64 30.95 -11.72
C LEU B 199 -22.18 32.23 -12.42
N THR B 200 -21.26 32.95 -11.78
CA THR B 200 -20.57 34.07 -12.40
C THR B 200 -19.14 33.64 -12.69
N LYS B 201 -18.57 34.15 -13.77
CA LYS B 201 -17.23 33.76 -14.16
C LYS B 201 -16.22 34.33 -13.17
N ILE B 202 -15.09 33.63 -13.05
CA ILE B 202 -14.05 33.98 -12.10
C ILE B 202 -13.27 35.16 -12.67
N THR B 203 -13.40 36.31 -12.03
CA THR B 203 -12.75 37.53 -12.50
C THR B 203 -11.43 37.67 -11.77
N LEU B 204 -10.36 37.53 -12.50
CA LEU B 204 -8.97 37.56 -12.09
C LEU B 204 -8.35 38.88 -12.50
N PRO B 205 -7.52 39.50 -11.65
CA PRO B 205 -6.79 40.69 -12.06
C PRO B 205 -5.70 40.34 -13.05
N PRO B 206 -5.10 41.32 -13.72
CA PRO B 206 -4.03 41.00 -14.67
C PRO B 206 -2.80 40.43 -13.99
N ASP B 207 -2.08 39.59 -14.75
CA ASP B 207 -0.95 38.79 -14.27
C ASP B 207 -1.35 37.88 -13.10
N CYS B 208 -2.40 37.10 -13.31
CA CYS B 208 -2.84 36.00 -12.49
C CYS B 208 -3.14 34.81 -13.39
N PRO B 209 -2.93 33.59 -12.90
CA PRO B 209 -3.06 32.41 -13.78
C PRO B 209 -4.49 32.15 -14.17
N GLN B 210 -4.72 31.93 -15.46
CA GLN B 210 -6.01 31.47 -15.91
C GLN B 210 -6.23 30.03 -15.47
N SER B 211 -7.50 29.64 -15.41
CA SER B 211 -7.98 28.33 -14.99
C SER B 211 -7.50 27.90 -13.61
N PRO B 212 -8.07 28.44 -12.53
CA PRO B 212 -7.78 27.91 -11.20
C PRO B 212 -8.40 26.54 -10.95
N CYS B 213 -8.23 26.00 -9.74
CA CYS B 213 -8.53 24.60 -9.47
C CYS B 213 -9.38 24.47 -8.22
N ILE B 214 -10.50 23.80 -8.32
CA ILE B 214 -11.38 23.56 -7.18
C ILE B 214 -11.12 22.15 -6.70
N LEU B 215 -10.40 22.03 -5.60
CA LEU B 215 -10.05 20.73 -5.05
C LEU B 215 -11.25 20.15 -4.34
N PHE B 216 -11.69 18.95 -4.74
CA PHE B 216 -12.89 18.35 -4.14
C PHE B 216 -12.52 17.34 -3.08
N PHE B 217 -13.30 17.29 -2.01
CA PHE B 217 -13.22 16.27 -0.98
C PHE B 217 -14.53 15.51 -0.93
N ALA B 218 -14.59 14.47 -0.10
CA ALA B 218 -15.82 13.72 0.11
C ALA B 218 -15.74 13.04 1.48
N SER B 219 -16.42 13.61 2.46
CA SER B 219 -16.47 13.03 3.78
C SER B 219 -17.85 12.45 4.02
N ALA B 220 -18.09 12.03 5.25
CA ALA B 220 -19.39 11.53 5.67
C ALA B 220 -19.96 12.48 6.73
N GLY B 221 -21.27 12.51 6.83
CA GLY B 221 -21.92 13.41 7.76
C GLY B 221 -21.79 12.95 9.19
N GLU B 222 -22.46 13.69 10.07
CA GLU B 222 -22.53 13.27 11.46
C GLU B 222 -23.63 12.24 11.70
N ASP B 223 -24.31 11.80 10.65
CA ASP B 223 -25.32 10.77 10.75
C ASP B 223 -25.20 9.73 9.65
N TYR B 224 -23.98 9.44 9.22
CA TYR B 224 -23.73 8.46 8.18
C TYR B 224 -23.48 7.12 8.82
N THR B 225 -24.31 6.14 8.51
CA THR B 225 -24.31 4.89 9.23
C THR B 225 -24.31 3.74 8.25
N LEU B 226 -23.53 2.71 8.55
CA LEU B 226 -23.31 1.59 7.65
C LEU B 226 -23.85 0.31 8.28
N ARG B 227 -24.14 -0.67 7.43
CA ARG B 227 -24.80 -1.89 7.89
C ARG B 227 -24.36 -3.03 6.99
N LEU B 228 -24.40 -4.27 7.54
CA LEU B 228 -24.22 -5.52 6.80
C LEU B 228 -22.90 -5.68 6.07
N PRO B 229 -21.83 -6.11 6.76
CA PRO B 229 -20.58 -6.43 6.06
C PRO B 229 -20.75 -7.51 5.01
N VAL B 230 -20.04 -7.34 3.89
CA VAL B 230 -19.96 -8.33 2.84
C VAL B 230 -18.49 -8.61 2.56
N ASP B 231 -18.24 -9.69 1.83
CA ASP B 231 -16.88 -10.01 1.41
C ASP B 231 -16.41 -8.97 0.42
N CYS B 232 -15.19 -8.49 0.62
CA CYS B 232 -14.68 -7.39 -0.16
C CYS B 232 -14.20 -7.86 -1.52
N ASN B 233 -14.01 -6.91 -2.41
CA ASN B 233 -13.39 -7.20 -3.69
C ASN B 233 -11.89 -7.32 -3.48
N PRO B 234 -11.28 -8.46 -3.79
CA PRO B 234 -9.83 -8.61 -3.58
C PRO B 234 -9.00 -8.16 -4.75
N SER B 235 -9.57 -7.34 -5.63
CA SER B 235 -8.90 -6.91 -6.85
C SER B 235 -7.96 -5.73 -6.65
N TYR B 236 -7.66 -5.35 -5.42
CA TYR B 236 -6.61 -4.37 -5.17
C TYR B 236 -5.22 -4.95 -5.26
N VAL B 237 -5.11 -6.27 -5.35
CA VAL B 237 -3.85 -6.97 -5.15
C VAL B 237 -3.32 -7.55 -6.46
N PHE B 238 -4.07 -7.43 -7.55
CA PHE B 238 -3.68 -8.02 -8.82
C PHE B 238 -3.08 -6.99 -9.76
N ASP C 1 -4.71 36.58 17.47
CA ASP C 1 -5.21 36.19 16.17
C ASP C 1 -4.31 35.18 15.47
N ARG C 2 -3.94 35.47 14.21
CA ARG C 2 -3.16 34.56 13.38
C ARG C 2 -1.66 34.83 13.47
N VAL C 3 -1.19 35.36 14.58
CA VAL C 3 0.23 35.64 14.78
C VAL C 3 0.66 34.82 16.00
N THR C 4 1.23 33.64 15.75
CA THR C 4 1.64 32.75 16.83
C THR C 4 3.14 32.53 16.77
N THR C 5 3.85 32.96 17.80
CA THR C 5 5.27 32.71 17.96
C THR C 5 5.44 31.52 18.90
N GLN C 6 6.10 30.47 18.41
CA GLN C 6 6.23 29.21 19.15
C GLN C 6 7.65 29.13 19.70
N THR C 7 7.84 29.70 20.88
CA THR C 7 9.15 29.73 21.51
C THR C 7 9.46 28.36 22.09
N ALA C 8 10.68 27.87 21.87
CA ALA C 8 11.09 26.57 22.39
C ALA C 8 12.59 26.58 22.60
N GLY C 9 13.03 26.60 23.85
CA GLY C 9 14.44 26.56 24.14
C GLY C 9 15.11 27.87 23.82
N ASN C 10 16.12 27.85 22.96
CA ASN C 10 16.73 29.07 22.48
C ASN C 10 16.40 29.34 21.03
N THR C 11 15.34 28.75 20.49
CA THR C 11 15.00 28.92 19.09
C THR C 11 13.51 29.11 18.99
N ALA C 12 13.07 30.29 18.60
CA ALA C 12 11.66 30.58 18.40
C ALA C 12 11.39 30.80 16.92
N ILE C 13 10.17 30.53 16.50
CA ILE C 13 9.77 30.75 15.12
C ILE C 13 8.45 31.50 15.07
N ASN C 14 8.34 32.41 14.14
CA ASN C 14 7.16 33.24 13.97
C ASN C 14 6.39 32.75 12.75
N THR C 15 5.10 33.08 12.74
CA THR C 15 4.28 32.95 11.56
C THR C 15 3.14 33.96 11.67
N GLN C 16 2.78 34.55 10.55
CA GLN C 16 1.71 35.53 10.53
C GLN C 16 0.53 35.07 9.69
N SER C 17 0.50 33.79 9.34
CA SER C 17 -0.61 33.20 8.62
C SER C 17 -0.93 31.85 9.23
N SER C 18 -0.97 31.79 10.56
CA SER C 18 -1.08 30.53 11.27
C SER C 18 -2.51 30.02 11.23
N LEU C 19 -2.69 28.80 10.72
CA LEU C 19 -3.99 28.16 10.75
C LEU C 19 -4.30 27.52 12.09
N GLY C 20 -3.28 27.14 12.85
CA GLY C 20 -3.47 26.50 14.12
C GLY C 20 -2.64 25.24 14.21
N VAL C 21 -2.30 24.81 15.42
CA VAL C 21 -1.44 23.66 15.61
C VAL C 21 -2.32 22.41 15.60
N LEU C 22 -2.21 21.61 14.55
CA LEU C 22 -3.05 20.42 14.38
C LEU C 22 -2.50 19.32 15.29
N CYS C 23 -2.93 19.36 16.54
CA CYS C 23 -2.56 18.32 17.49
C CYS C 23 -3.21 17.01 17.10
N ALA C 24 -2.44 15.94 17.11
CA ALA C 24 -2.84 14.67 16.52
C ALA C 24 -3.14 13.66 17.61
N TYR C 25 -4.34 13.09 17.55
CA TYR C 25 -4.84 11.93 18.28
C TYR C 25 -5.12 12.18 19.76
N VAL C 26 -4.66 13.31 20.30
CA VAL C 26 -4.79 13.63 21.72
C VAL C 26 -4.88 15.14 21.87
N GLU C 27 -5.24 15.58 23.07
CA GLU C 27 -5.29 17.01 23.35
C GLU C 27 -3.89 17.59 23.45
N ASP C 28 -3.03 16.96 24.25
CA ASP C 28 -1.66 17.40 24.44
C ASP C 28 -0.73 16.24 24.10
N PRO C 29 -0.14 16.21 22.92
CA PRO C 29 0.84 15.16 22.59
C PRO C 29 2.22 15.35 23.22
N THR C 30 2.39 16.35 24.09
CA THR C 30 3.64 16.47 24.81
C THR C 30 3.69 15.55 26.02
N LYS C 31 2.53 15.29 26.65
CA LYS C 31 2.47 14.42 27.82
C LYS C 31 2.76 12.99 27.42
N SER C 32 3.81 12.41 28.01
CA SER C 32 4.25 11.08 27.62
C SER C 32 5.04 10.46 28.77
N ASP C 33 4.56 9.32 29.26
CA ASP C 33 5.21 8.61 30.35
C ASP C 33 6.48 7.92 29.84
N PRO C 34 7.36 7.49 30.75
CA PRO C 34 8.58 6.78 30.31
C PRO C 34 8.28 5.43 29.68
N PRO C 35 9.22 4.85 28.95
CA PRO C 35 9.01 3.51 28.40
C PRO C 35 8.93 2.44 29.47
N SER C 36 8.06 1.48 29.24
CA SER C 36 7.88 0.36 30.16
C SER C 36 8.71 -0.84 29.78
N SER C 37 9.55 -0.73 28.76
CA SER C 37 10.41 -1.82 28.32
C SER C 37 11.88 -1.49 28.59
N SER C 38 12.15 -0.86 29.71
CA SER C 38 13.51 -0.55 30.12
C SER C 38 13.59 -0.62 31.62
N THR C 39 14.70 -1.15 32.13
CA THR C 39 14.97 -1.20 33.55
C THR C 39 16.16 -0.32 33.90
N ASP C 40 16.27 0.82 33.23
CA ASP C 40 17.24 1.83 33.61
C ASP C 40 16.56 3.19 33.54
N GLN C 41 17.29 4.20 33.85
CA GLN C 41 16.67 5.51 33.90
C GLN C 41 16.84 6.21 32.56
N PRO C 42 15.77 6.71 31.96
CA PRO C 42 15.90 7.33 30.64
C PRO C 42 16.49 8.71 30.71
N THR C 43 17.10 9.12 29.61
CA THR C 43 17.61 10.48 29.44
C THR C 43 16.47 11.31 28.90
N THR C 44 15.85 12.11 29.75
CA THR C 44 14.66 12.87 29.36
C THR C 44 15.06 14.10 28.58
N THR C 45 14.13 15.01 28.39
CA THR C 45 14.44 16.23 27.66
C THR C 45 15.31 17.16 28.50
N PHE C 46 16.11 17.95 27.80
CA PHE C 46 16.95 18.95 28.43
C PHE C 46 17.05 20.11 27.47
N THR C 47 17.49 21.25 27.95
CA THR C 47 17.24 22.50 27.25
C THR C 47 18.15 22.72 26.04
N ALA C 48 18.93 21.73 25.62
CA ALA C 48 19.71 21.83 24.40
C ALA C 48 19.17 20.99 23.26
N ILE C 49 18.13 20.20 23.49
CA ILE C 49 17.40 19.53 22.42
C ILE C 49 15.95 19.96 22.37
N ASP C 50 15.52 20.83 23.27
CA ASP C 50 14.15 21.32 23.28
C ASP C 50 14.03 22.54 22.38
N ARG C 51 14.37 22.36 21.10
CA ARG C 51 14.37 23.47 20.18
C ARG C 51 14.17 22.99 18.75
N TRP C 52 13.88 23.94 17.88
CA TRP C 52 13.50 23.66 16.50
C TRP C 52 14.73 23.43 15.66
N TYR C 53 14.57 22.68 14.58
CA TYR C 53 15.68 22.40 13.67
C TYR C 53 15.23 22.70 12.26
N THR C 54 15.50 23.92 11.78
CA THR C 54 15.14 24.29 10.43
C THR C 54 16.08 23.62 9.43
N GLY C 55 15.51 22.95 8.44
CA GLY C 55 16.30 22.44 7.34
C GLY C 55 15.54 22.61 6.05
N ARG C 56 16.28 22.79 4.97
CA ARG C 56 15.64 23.09 3.70
C ARG C 56 15.07 21.83 3.08
N LEU C 57 14.47 22.04 1.90
CA LEU C 57 13.76 21.02 1.18
C LEU C 57 13.66 21.54 -0.24
N ASN C 58 13.45 20.64 -1.20
CA ASN C 58 13.65 21.03 -2.59
C ASN C 58 12.55 21.94 -3.08
N SER C 59 12.91 22.78 -4.06
CA SER C 59 12.03 23.82 -4.55
C SER C 59 10.84 23.23 -5.29
N TRP C 60 9.80 24.04 -5.42
CA TRP C 60 8.52 23.60 -5.96
C TRP C 60 8.26 24.36 -7.24
N THR C 61 8.54 23.74 -8.37
CA THR C 61 8.51 24.40 -9.67
C THR C 61 7.18 24.14 -10.36
N LYS C 62 7.04 24.67 -11.58
CA LYS C 62 5.90 24.30 -12.41
C LYS C 62 6.04 22.91 -12.99
N ALA C 63 7.26 22.40 -13.11
CA ALA C 63 7.50 21.08 -13.68
C ALA C 63 6.98 19.94 -12.81
N VAL C 64 6.66 20.22 -11.55
CA VAL C 64 6.14 19.20 -10.65
C VAL C 64 4.69 18.90 -11.02
N LYS C 65 4.36 17.62 -11.14
CA LYS C 65 3.02 17.22 -11.50
C LYS C 65 2.15 17.15 -10.24
N THR C 66 0.96 16.59 -10.38
CA THR C 66 0.10 16.34 -9.25
C THR C 66 0.57 15.07 -8.54
N PHE C 67 0.43 15.07 -7.21
CA PHE C 67 0.70 13.98 -6.28
C PHE C 67 2.18 13.65 -6.13
N SER C 68 3.08 14.43 -6.72
CA SER C 68 4.51 14.23 -6.57
C SER C 68 4.92 14.60 -5.16
N PHE C 69 5.29 13.60 -4.38
CA PHE C 69 5.54 13.83 -2.97
C PHE C 69 7.03 14.07 -2.73
N GLN C 70 7.37 14.27 -1.46
CA GLN C 70 8.75 14.46 -1.05
C GLN C 70 8.84 14.12 0.42
N ALA C 71 9.45 12.98 0.74
CA ALA C 71 9.33 12.41 2.07
C ALA C 71 10.53 12.74 2.93
N VAL C 72 10.27 13.14 4.17
CA VAL C 72 11.31 13.50 5.13
C VAL C 72 11.10 12.63 6.36
N PRO C 73 11.89 11.57 6.52
CA PRO C 73 11.68 10.65 7.64
C PRO C 73 12.13 11.27 8.94
N LEU C 74 11.45 10.87 10.02
CA LEU C 74 11.78 11.37 11.35
C LEU C 74 11.92 10.17 12.27
N PRO C 75 13.06 9.98 12.94
CA PRO C 75 14.23 10.87 13.01
C PRO C 75 15.23 10.65 11.91
N GLY C 76 14.84 9.97 10.82
CA GLY C 76 15.79 9.58 9.78
C GLY C 76 16.42 10.72 9.01
N ALA C 77 15.91 11.95 9.15
CA ALA C 77 16.54 13.10 8.51
C ALA C 77 17.59 13.74 9.39
N PHE C 78 17.50 13.58 10.71
CA PHE C 78 18.55 14.03 11.61
C PHE C 78 19.84 13.26 11.40
N LEU C 79 19.74 12.00 11.01
CA LEU C 79 20.89 11.10 11.02
C LEU C 79 21.63 11.07 9.70
N SER C 80 20.92 11.28 8.59
CA SER C 80 21.56 11.36 7.28
C SER C 80 21.75 12.80 6.83
N ARG C 81 21.32 13.77 7.64
CA ARG C 81 21.42 15.21 7.36
C ARG C 81 20.73 15.55 6.04
N GLN C 82 19.43 15.33 6.01
CA GLN C 82 18.64 15.44 4.80
C GLN C 82 18.12 16.87 4.65
N GLY C 83 18.61 17.57 3.64
CA GLY C 83 18.20 18.95 3.45
C GLY C 83 18.92 19.92 4.35
N GLY C 84 20.21 19.69 4.60
CA GLY C 84 20.98 20.54 5.47
C GLY C 84 20.51 20.53 6.91
N LEU C 85 19.87 19.45 7.34
CA LEU C 85 19.16 19.40 8.59
C LEU C 85 20.06 18.72 9.61
N ASN C 86 21.04 19.48 10.09
CA ASN C 86 21.94 19.01 11.14
C ASN C 86 21.15 18.92 12.43
N GLY C 87 21.27 17.78 13.11
CA GLY C 87 20.49 17.59 14.29
C GLY C 87 21.03 18.23 15.53
N GLY C 88 22.23 18.78 15.49
CA GLY C 88 22.74 19.50 16.64
C GLY C 88 23.12 18.56 17.77
N ALA C 89 22.67 18.88 18.97
CA ALA C 89 22.90 18.06 20.14
C ALA C 89 21.82 17.02 20.34
N PHE C 90 20.89 16.91 19.40
CA PHE C 90 19.91 15.83 19.42
C PHE C 90 20.45 14.60 18.74
N THR C 91 21.09 14.79 17.57
CA THR C 91 21.77 13.69 16.91
C THR C 91 23.02 13.27 17.64
N ALA C 92 23.65 14.18 18.38
CA ALA C 92 24.77 13.79 19.22
C ALA C 92 24.33 12.96 20.42
N THR C 93 23.04 12.97 20.75
CA THR C 93 22.48 12.10 21.76
C THR C 93 21.76 10.91 21.15
N LEU C 94 21.28 11.04 19.92
CA LEU C 94 20.57 9.94 19.29
C LEU C 94 21.54 8.85 18.87
N HIS C 95 22.77 9.20 18.49
CA HIS C 95 23.75 8.17 18.15
C HIS C 95 24.24 7.41 19.38
N ARG C 96 24.11 7.96 20.57
CA ARG C 96 24.67 7.35 21.76
C ARG C 96 23.64 6.65 22.61
N HIS C 97 22.39 6.60 22.19
CA HIS C 97 21.37 5.88 22.92
C HIS C 97 20.75 4.83 22.01
N PHE C 98 20.47 3.66 22.57
CA PHE C 98 19.98 2.57 21.75
C PHE C 98 18.50 2.72 21.43
N LEU C 99 17.67 3.07 22.41
CA LEU C 99 16.25 3.21 22.15
C LEU C 99 15.87 4.66 22.33
N MET C 100 14.92 5.13 21.52
CA MET C 100 14.49 6.51 21.59
C MET C 100 12.99 6.57 21.37
N LYS C 101 12.32 7.35 22.19
CA LYS C 101 10.86 7.38 22.25
C LYS C 101 10.42 8.85 22.33
N CYS C 102 10.17 9.46 21.18
CA CYS C 102 9.76 10.86 21.18
C CYS C 102 8.58 11.06 20.25
N GLY C 103 7.91 12.16 20.43
CA GLY C 103 6.82 12.57 19.56
C GLY C 103 7.16 13.91 18.96
N TRP C 104 6.85 14.09 17.69
CA TRP C 104 7.41 15.20 16.94
C TRP C 104 6.49 16.40 16.98
N GLN C 105 6.96 17.50 16.39
CA GLN C 105 6.14 18.70 16.20
C GLN C 105 6.77 19.47 15.05
N VAL C 106 6.20 19.36 13.85
CA VAL C 106 6.81 19.90 12.66
C VAL C 106 6.09 21.16 12.23
N GLN C 107 6.71 21.86 11.29
CA GLN C 107 6.13 23.06 10.69
C GLN C 107 6.81 23.31 9.35
N VAL C 108 6.03 23.29 8.28
CA VAL C 108 6.54 23.46 6.93
C VAL C 108 6.21 24.87 6.46
N GLN C 109 7.23 25.62 6.04
CA GLN C 109 7.04 26.98 5.56
C GLN C 109 7.20 27.01 4.06
N CYS C 110 6.28 27.71 3.37
CA CYS C 110 6.43 27.97 1.95
C CYS C 110 5.65 29.23 1.63
N ASN C 111 6.35 30.30 1.28
CA ASN C 111 5.73 31.61 1.10
C ASN C 111 5.29 31.80 -0.35
N LEU C 112 3.99 31.73 -0.58
CA LEU C 112 3.42 32.02 -1.89
C LEU C 112 2.84 33.41 -1.89
N THR C 113 3.08 34.15 -2.95
CA THR C 113 2.43 35.44 -3.14
C THR C 113 0.95 35.21 -3.46
N GLN C 114 0.14 36.26 -3.33
CA GLN C 114 -1.26 36.15 -3.66
C GLN C 114 -1.55 35.98 -5.15
N PHE C 115 -0.55 36.05 -6.02
CA PHE C 115 -0.76 35.80 -7.43
C PHE C 115 -0.34 34.41 -7.86
N HIS C 116 0.19 33.59 -6.96
CA HIS C 116 0.47 32.19 -7.24
C HIS C 116 -0.74 31.36 -6.87
N GLN C 117 -0.84 30.19 -7.47
CA GLN C 117 -1.81 29.19 -7.03
C GLN C 117 -1.08 27.88 -6.78
N GLY C 118 -1.68 27.06 -5.94
CA GLY C 118 -1.10 25.77 -5.62
C GLY C 118 -1.46 25.36 -4.21
N ALA C 119 -1.29 24.08 -3.93
CA ALA C 119 -1.68 23.55 -2.63
C ALA C 119 -0.81 22.33 -2.33
N LEU C 120 0.17 22.51 -1.47
CA LEU C 120 0.89 21.39 -0.91
C LEU C 120 0.02 20.69 0.12
N LEU C 121 0.20 19.39 0.23
CA LEU C 121 -0.47 18.60 1.27
C LEU C 121 0.62 18.10 2.20
N VAL C 122 0.83 18.82 3.29
CA VAL C 122 1.78 18.41 4.31
C VAL C 122 1.08 17.48 5.27
N ALA C 123 1.67 16.34 5.57
CA ALA C 123 1.06 15.39 6.48
C ALA C 123 2.14 14.58 7.18
N MET C 124 1.90 14.26 8.45
CA MET C 124 2.78 13.37 9.18
C MET C 124 2.29 11.94 8.97
N VAL C 125 2.88 11.23 8.03
CA VAL C 125 2.40 9.93 7.59
C VAL C 125 3.13 8.85 8.38
N PRO C 126 2.44 8.07 9.20
CA PRO C 126 3.13 7.07 10.01
C PRO C 126 3.50 5.81 9.26
N GLU C 127 4.70 5.30 9.61
CA GLU C 127 5.17 3.96 9.25
C GLU C 127 5.20 3.75 7.74
N THR C 128 6.06 4.49 7.07
CA THR C 128 6.22 4.32 5.64
C THR C 128 7.69 4.25 5.25
N THR C 129 7.94 3.60 4.13
CA THR C 129 9.30 3.38 3.65
C THR C 129 9.50 4.17 2.37
N LEU C 130 9.07 5.42 2.37
CA LEU C 130 9.08 6.24 1.16
C LEU C 130 10.46 6.77 0.82
N ASP C 131 11.34 6.88 1.81
CA ASP C 131 12.71 7.29 1.52
C ASP C 131 13.56 6.18 0.93
N VAL C 132 13.06 4.97 0.81
CA VAL C 132 13.89 3.84 0.42
C VAL C 132 13.61 3.52 -1.03
N LYS C 133 14.67 3.30 -1.80
CA LYS C 133 14.52 2.97 -3.21
C LYS C 133 13.84 1.62 -3.34
N PRO C 134 13.19 1.40 -4.57
CA PRO C 134 12.56 0.07 -4.65
C PRO C 134 13.57 -1.08 -4.58
N ASP C 135 14.80 -0.78 -4.19
CA ASP C 135 15.86 -1.77 -4.18
C ASP C 135 16.54 -1.89 -2.83
N GLY C 136 15.79 -1.58 -1.77
CA GLY C 136 16.30 -1.71 -0.41
C GLY C 136 17.01 -0.49 0.13
N LYS C 137 18.24 -0.27 -0.33
CA LYS C 137 19.06 0.84 0.15
C LYS C 137 18.27 2.13 0.28
N ALA C 138 18.59 2.91 1.32
CA ALA C 138 18.00 4.22 1.49
C ALA C 138 18.63 5.23 0.54
N LYS C 139 17.90 6.29 0.26
CA LYS C 139 18.36 7.30 -0.69
C LYS C 139 19.42 8.18 -0.03
N SER C 140 20.52 8.42 -0.73
CA SER C 140 21.53 9.33 -0.26
C SER C 140 21.14 10.76 -0.59
N LEU C 141 22.05 11.70 -0.30
CA LEU C 141 21.75 13.10 -0.58
C LEU C 141 21.84 13.43 -2.06
N GLN C 142 22.59 12.63 -2.82
CA GLN C 142 22.68 12.85 -4.26
C GLN C 142 21.38 12.44 -4.94
N GLU C 143 20.80 11.31 -4.54
CA GLU C 143 19.57 10.84 -5.17
C GLU C 143 18.37 11.69 -4.81
N LEU C 144 18.41 12.43 -3.70
CA LEU C 144 17.38 13.41 -3.42
C LEU C 144 17.57 14.68 -4.24
N ASN C 145 18.76 14.87 -4.81
CA ASN C 145 19.04 16.00 -5.69
C ASN C 145 18.84 15.62 -7.16
N GLU C 146 18.97 14.33 -7.48
CA GLU C 146 18.84 13.87 -8.85
C GLU C 146 17.39 13.76 -9.32
N GLU C 147 16.41 13.88 -8.42
CA GLU C 147 15.02 13.77 -8.85
C GLU C 147 14.17 14.93 -8.36
N GLN C 148 14.52 15.47 -7.18
CA GLN C 148 13.98 16.68 -6.53
C GLN C 148 12.55 16.54 -6.03
N TRP C 149 11.81 15.57 -6.52
CA TRP C 149 10.40 15.34 -6.24
C TRP C 149 10.04 13.96 -6.76
N VAL C 150 9.52 13.09 -5.91
CA VAL C 150 9.28 11.71 -6.31
C VAL C 150 7.90 11.63 -6.92
N GLU C 151 7.82 11.18 -8.16
CA GLU C 151 6.54 11.09 -8.86
C GLU C 151 5.71 9.94 -8.32
N MET C 152 4.42 10.21 -8.12
CA MET C 152 3.48 9.17 -7.68
C MET C 152 3.18 8.30 -8.88
N SER C 153 3.99 7.26 -9.06
CA SER C 153 3.83 6.32 -10.16
C SER C 153 2.84 5.24 -9.73
N ASP C 154 2.73 4.18 -10.53
CA ASP C 154 1.91 3.06 -10.11
C ASP C 154 2.63 2.17 -9.10
N ASP C 155 3.96 2.24 -9.06
CA ASP C 155 4.71 1.44 -8.10
C ASP C 155 4.52 1.95 -6.68
N TYR C 156 4.25 3.24 -6.52
CA TYR C 156 3.96 3.77 -5.19
C TYR C 156 2.49 3.62 -4.83
N ARG C 157 1.59 3.62 -5.81
CA ARG C 157 0.19 3.48 -5.50
C ARG C 157 -0.16 2.05 -5.12
N THR C 158 0.53 1.09 -5.70
CA THR C 158 0.28 -0.31 -5.42
C THR C 158 1.21 -0.83 -4.33
N GLY C 159 2.23 -0.07 -3.96
CA GLY C 159 3.19 -0.59 -3.01
C GLY C 159 4.05 -1.67 -3.58
N LYS C 160 4.22 -1.68 -4.90
CA LYS C 160 4.97 -2.72 -5.56
C LYS C 160 6.46 -2.60 -5.31
N ASN C 161 6.96 -1.41 -4.99
CA ASN C 161 8.39 -1.18 -4.95
C ASN C 161 8.94 -1.02 -3.53
N MET C 162 8.25 -1.53 -2.53
CA MET C 162 8.79 -1.50 -1.19
C MET C 162 9.88 -2.57 -1.07
N PRO C 163 10.83 -2.41 -0.14
CA PRO C 163 11.99 -3.31 -0.13
C PRO C 163 11.63 -4.74 0.27
N PHE C 164 12.31 -5.69 -0.35
CA PHE C 164 12.02 -7.10 -0.14
C PHE C 164 13.30 -7.82 0.25
N GLN C 165 13.18 -9.12 0.53
CA GLN C 165 14.33 -9.97 0.78
C GLN C 165 14.57 -10.86 -0.43
N SER C 166 15.85 -11.08 -0.74
CA SER C 166 16.23 -11.96 -1.83
C SER C 166 15.93 -13.39 -1.44
N LEU C 167 14.98 -14.02 -2.14
CA LEU C 167 14.60 -15.38 -1.82
C LEU C 167 15.67 -16.40 -2.18
N GLY C 168 16.63 -16.04 -3.00
CA GLY C 168 17.70 -16.95 -3.33
C GLY C 168 17.39 -17.74 -4.57
N THR C 169 18.38 -18.54 -4.97
CA THR C 169 18.28 -19.30 -6.20
C THR C 169 17.30 -20.45 -6.11
N TYR C 170 16.94 -20.86 -4.89
CA TYR C 170 16.08 -22.03 -4.71
C TYR C 170 14.66 -21.76 -5.15
N TYR C 171 14.04 -20.72 -4.60
CA TYR C 171 12.67 -20.40 -4.94
C TYR C 171 12.61 -19.67 -6.27
N ARG C 172 11.64 -20.05 -7.09
CA ARG C 172 11.33 -19.26 -8.28
C ARG C 172 10.79 -17.91 -7.85
N PRO C 173 11.36 -16.80 -8.33
CA PRO C 173 11.01 -15.48 -7.81
C PRO C 173 9.61 -15.07 -8.23
N PRO C 174 8.72 -14.85 -7.29
CA PRO C 174 7.33 -14.60 -7.62
C PRO C 174 7.12 -13.20 -8.16
N ASN C 175 6.04 -13.05 -8.92
CA ASN C 175 5.72 -11.76 -9.53
C ASN C 175 5.10 -10.89 -8.45
N TRP C 176 5.90 -10.02 -7.84
CA TRP C 176 5.41 -9.20 -6.75
C TRP C 176 4.47 -8.16 -7.30
N THR C 177 3.27 -8.07 -6.72
CA THR C 177 2.29 -7.13 -7.21
C THR C 177 1.75 -6.17 -6.17
N TRP C 178 2.05 -6.35 -4.89
CA TRP C 178 1.44 -5.52 -3.87
C TRP C 178 2.24 -5.63 -2.59
N GLY C 179 2.28 -4.54 -1.83
CA GLY C 179 2.92 -4.53 -0.54
C GLY C 179 2.29 -3.47 0.35
N PRO C 180 2.13 -3.74 1.64
CA PRO C 180 1.26 -2.92 2.49
C PRO C 180 1.77 -1.53 2.81
N ASN C 181 2.98 -1.13 2.40
CA ASN C 181 3.44 0.24 2.59
C ASN C 181 3.26 1.08 1.33
N PHE C 182 2.15 0.86 0.65
CA PHE C 182 1.71 1.69 -0.46
C PHE C 182 1.39 3.11 0.00
N ILE C 183 1.20 4.01 -0.96
CA ILE C 183 0.49 5.26 -0.74
C ILE C 183 -0.75 5.23 -1.59
N ASN C 184 -1.91 5.34 -0.98
CA ASN C 184 -3.09 5.73 -1.73
C ASN C 184 -3.08 7.24 -1.74
N PRO C 185 -2.77 7.90 -2.86
CA PRO C 185 -2.55 9.35 -2.82
C PRO C 185 -3.80 10.15 -2.59
N TYR C 186 -4.97 9.56 -2.80
CA TYR C 186 -6.22 10.26 -2.55
C TYR C 186 -6.62 10.23 -1.10
N GLN C 187 -6.02 9.37 -0.30
CA GLN C 187 -6.38 9.21 1.09
C GLN C 187 -5.24 9.59 2.01
N VAL C 188 -4.45 10.60 1.64
CA VAL C 188 -3.40 11.04 2.54
C VAL C 188 -3.96 12.03 3.54
N THR C 189 -5.19 12.50 3.35
CA THR C 189 -5.79 13.41 4.31
C THR C 189 -6.39 12.69 5.51
N VAL C 190 -6.27 11.36 5.61
CA VAL C 190 -6.63 10.70 6.87
C VAL C 190 -5.55 10.94 7.91
N PHE C 191 -4.33 11.23 7.48
CA PHE C 191 -3.21 11.45 8.36
C PHE C 191 -3.32 12.81 9.01
N PRO C 192 -2.55 13.09 10.07
CA PRO C 192 -2.57 14.44 10.64
C PRO C 192 -1.96 15.44 9.68
N HIS C 193 -2.80 16.26 9.07
CA HIS C 193 -2.38 17.03 7.91
C HIS C 193 -2.92 18.43 8.00
N GLN C 194 -2.26 19.34 7.30
CA GLN C 194 -2.86 20.61 6.91
C GLN C 194 -2.49 20.83 5.45
N ILE C 195 -3.31 21.62 4.77
CA ILE C 195 -3.08 21.94 3.37
C ILE C 195 -2.44 23.32 3.29
N LEU C 196 -1.30 23.40 2.60
CA LEU C 196 -0.58 24.66 2.49
C LEU C 196 -1.03 25.32 1.21
N ASN C 197 -2.22 25.92 1.26
CA ASN C 197 -2.78 26.57 0.10
C ASN C 197 -2.02 27.86 -0.17
N ALA C 198 -2.03 28.30 -1.42
CA ALA C 198 -1.34 29.53 -1.79
C ALA C 198 -2.13 30.78 -1.43
N ARG C 199 -3.26 30.65 -0.74
CA ARG C 199 -4.11 31.78 -0.45
C ARG C 199 -4.70 31.77 0.95
N THR C 200 -4.23 30.91 1.85
CA THR C 200 -4.74 30.94 3.21
C THR C 200 -3.59 31.04 4.21
N SER C 201 -2.47 30.41 3.90
CA SER C 201 -1.41 30.29 4.88
C SER C 201 -0.08 30.12 4.18
N THR C 202 0.98 30.30 4.96
CA THR C 202 2.34 30.04 4.52
C THR C 202 3.06 29.08 5.46
N SER C 203 2.36 28.51 6.44
CA SER C 203 3.02 27.66 7.43
C SER C 203 1.98 26.74 8.06
N VAL C 204 2.16 25.45 7.89
CA VAL C 204 1.28 24.46 8.48
C VAL C 204 1.92 23.95 9.77
N ASP C 205 1.09 23.46 10.70
CA ASP C 205 1.55 23.21 12.06
C ASP C 205 0.98 21.88 12.53
N ILE C 206 1.80 20.82 12.54
CA ILE C 206 1.34 19.50 12.93
C ILE C 206 2.11 19.08 14.18
N ASN C 207 1.40 18.47 15.13
CA ASN C 207 1.96 18.09 16.41
C ASN C 207 1.54 16.66 16.69
N VAL C 208 2.46 15.72 16.54
CA VAL C 208 2.10 14.31 16.62
C VAL C 208 2.71 13.67 17.86
N PRO C 209 2.10 12.66 18.42
CA PRO C 209 2.68 11.99 19.58
C PRO C 209 3.55 10.82 19.16
N TYR C 210 4.17 10.15 20.11
CA TYR C 210 4.91 8.93 19.79
C TYR C 210 3.95 7.80 19.53
N ILE C 211 4.03 7.22 18.33
CA ILE C 211 3.37 5.95 18.08
C ILE C 211 4.43 4.97 17.61
N GLY C 212 4.17 3.69 17.84
CA GLY C 212 5.13 2.67 17.48
C GLY C 212 4.73 1.32 18.02
N GLU C 213 5.19 0.26 17.36
CA GLU C 213 4.74 -1.08 17.72
C GLU C 213 5.22 -1.53 19.09
N THR C 214 6.27 -0.94 19.62
CA THR C 214 6.84 -1.23 20.91
C THR C 214 6.79 0.04 21.75
N PRO C 215 6.82 -0.05 23.08
CA PRO C 215 6.74 1.16 23.91
C PRO C 215 7.94 2.08 23.78
N THR C 216 9.03 1.62 23.18
CA THR C 216 10.08 2.48 22.66
C THR C 216 10.78 1.72 21.56
N GLN C 217 11.18 2.42 20.51
CA GLN C 217 11.79 1.76 19.37
C GLN C 217 13.26 2.08 19.29
N SER C 218 13.94 1.36 18.40
CA SER C 218 15.36 1.56 18.18
C SER C 218 15.64 2.95 17.64
N SER C 219 16.87 3.41 17.84
CA SER C 219 17.20 4.78 17.50
C SER C 219 17.65 4.91 16.06
N GLU C 220 18.44 3.96 15.58
CA GLU C 220 18.94 4.03 14.23
C GLU C 220 17.92 3.59 13.20
N THR C 221 17.05 2.66 13.58
CA THR C 221 16.20 1.99 12.61
C THR C 221 14.72 2.21 12.88
N GLN C 222 14.32 3.45 13.13
CA GLN C 222 12.90 3.73 13.23
C GLN C 222 12.49 4.78 12.22
N ASN C 223 11.26 4.63 11.72
CA ASN C 223 10.66 5.54 10.78
C ASN C 223 9.18 5.69 11.11
N SER C 224 8.86 5.84 12.39
CA SER C 224 7.47 5.79 12.83
C SER C 224 6.64 6.97 12.36
N TRP C 225 7.27 8.09 12.01
CA TRP C 225 6.60 9.17 11.31
C TRP C 225 7.38 9.50 10.07
N THR C 226 6.72 10.14 9.12
CA THR C 226 7.37 10.56 7.88
C THR C 226 6.69 11.82 7.41
N LEU C 227 7.39 12.93 7.43
CA LEU C 227 6.85 14.15 6.85
C LEU C 227 6.71 13.96 5.35
N LEU C 228 5.60 14.42 4.80
CA LEU C 228 5.20 14.02 3.45
C LEU C 228 4.54 15.24 2.82
N VAL C 229 5.27 15.94 1.97
CA VAL C 229 4.77 17.14 1.31
C VAL C 229 4.33 16.73 -0.08
N MET C 230 3.03 16.71 -0.31
CA MET C 230 2.46 16.22 -1.55
C MET C 230 1.77 17.35 -2.28
N VAL C 231 1.97 17.41 -3.59
CA VAL C 231 1.42 18.47 -4.42
C VAL C 231 0.01 18.04 -4.85
N LEU C 232 -1.01 18.73 -4.35
CA LEU C 232 -2.36 18.46 -4.81
C LEU C 232 -2.70 19.26 -6.04
N VAL C 233 -2.36 20.55 -6.06
CA VAL C 233 -2.59 21.42 -7.19
C VAL C 233 -1.23 21.97 -7.62
N PRO C 234 -0.84 21.85 -8.89
CA PRO C 234 0.48 22.30 -9.30
C PRO C 234 0.61 23.81 -9.24
N LEU C 235 1.84 24.27 -9.10
CA LEU C 235 2.10 25.69 -9.03
C LEU C 235 1.86 26.33 -10.39
N ASP C 236 1.24 27.50 -10.39
CA ASP C 236 1.04 28.20 -11.65
C ASP C 236 1.12 29.69 -11.38
N TYR C 237 1.76 30.41 -12.30
CA TYR C 237 1.92 31.85 -12.21
C TYR C 237 2.15 32.40 -13.61
N LYS C 238 2.03 33.71 -13.73
CA LYS C 238 2.37 34.41 -14.96
C LYS C 238 3.84 34.80 -14.94
N GLU C 239 4.36 35.10 -16.13
CA GLU C 239 5.79 35.31 -16.29
C GLU C 239 6.18 36.66 -15.69
N GLY C 240 6.92 36.60 -14.60
CA GLY C 240 7.32 37.80 -13.90
C GLY C 240 7.29 37.61 -12.40
N ALA C 241 6.44 36.67 -11.95
CA ALA C 241 6.35 36.38 -10.53
C ALA C 241 7.56 35.58 -10.07
N THR C 242 7.68 35.41 -8.76
CA THR C 242 8.85 34.77 -8.18
C THR C 242 8.81 33.27 -8.46
N THR C 243 9.63 32.83 -9.41
CA THR C 243 9.66 31.44 -9.80
C THR C 243 10.36 30.62 -8.74
N ASP C 244 9.93 29.35 -8.62
CA ASP C 244 10.46 28.33 -7.73
C ASP C 244 10.51 28.77 -6.28
N PRO C 245 9.39 28.84 -5.57
CA PRO C 245 9.44 29.17 -4.15
C PRO C 245 10.06 28.03 -3.36
N GLU C 246 10.83 28.39 -2.35
CA GLU C 246 11.51 27.40 -1.55
C GLU C 246 10.57 26.84 -0.50
N ILE C 247 10.83 25.61 -0.09
CA ILE C 247 10.09 24.95 0.97
C ILE C 247 11.08 24.60 2.06
N THR C 248 10.77 24.96 3.29
CA THR C 248 11.55 24.54 4.43
C THR C 248 10.67 23.78 5.40
N PHE C 249 11.28 23.21 6.43
CA PHE C 249 10.53 22.56 7.48
C PHE C 249 11.26 22.78 8.79
N SER C 250 10.58 22.56 9.90
CA SER C 250 11.14 22.84 11.21
C SER C 250 10.64 21.82 12.20
N VAL C 251 11.51 20.91 12.60
CA VAL C 251 11.15 19.74 13.37
C VAL C 251 11.62 19.93 14.81
N ARG C 252 10.75 19.63 15.76
CA ARG C 252 11.06 19.77 17.18
C ARG C 252 10.57 18.52 17.91
N PRO C 253 11.44 17.73 18.52
CA PRO C 253 10.98 16.55 19.26
C PRO C 253 10.40 16.92 20.61
N THR C 254 9.14 16.59 20.82
CA THR C 254 8.48 16.87 22.10
C THR C 254 8.62 15.66 23.01
N SER C 255 9.19 15.87 24.19
CA SER C 255 9.38 14.92 25.27
C SER C 255 10.04 13.62 24.84
N PRO C 256 11.32 13.61 24.52
CA PRO C 256 11.98 12.36 24.17
C PRO C 256 12.36 11.58 25.41
N TYR C 257 12.59 10.29 25.21
CA TYR C 257 13.11 9.43 26.26
C TYR C 257 14.18 8.56 25.64
N PHE C 258 15.43 8.83 25.96
CA PHE C 258 16.52 8.06 25.44
C PHE C 258 16.88 6.98 26.46
N ASN C 259 16.83 5.72 26.06
CA ASN C 259 17.24 4.62 26.92
C ASN C 259 18.41 3.88 26.30
N GLY C 260 19.15 3.19 27.13
CA GLY C 260 20.22 2.35 26.63
C GLY C 260 21.41 3.10 26.09
N LEU C 261 22.18 3.71 26.98
CA LEU C 261 23.36 4.48 26.57
C LEU C 261 24.48 3.55 26.12
N ARG C 262 25.11 3.90 25.00
CA ARG C 262 26.37 3.26 24.61
C ARG C 262 27.18 4.27 23.82
N ASN C 263 28.33 3.81 23.33
CA ASN C 263 29.20 4.69 22.56
C ASN C 263 28.59 5.00 21.20
N ARG C 264 29.21 5.95 20.51
CA ARG C 264 28.67 6.52 19.30
C ARG C 264 28.65 5.48 18.20
N TYR C 265 27.54 5.42 17.47
CA TYR C 265 27.18 4.27 16.65
C TYR C 265 28.14 4.08 15.49
N THR C 266 28.87 2.97 15.51
CA THR C 266 29.77 2.59 14.43
C THR C 266 29.18 1.40 13.71
N THR C 267 29.01 1.53 12.40
CA THR C 267 28.36 0.48 11.61
C THR C 267 29.28 -0.72 11.44
N ARG D 14 -18.31 -5.11 23.31
CA ARG D 14 -18.25 -6.51 23.69
C ARG D 14 -17.97 -7.39 22.47
N GLY D 15 -18.21 -6.85 21.28
CA GLY D 15 -17.80 -7.52 20.07
C GLY D 15 -18.89 -8.28 19.37
N ASN D 16 -18.51 -9.34 18.67
CA ASN D 16 -19.46 -10.25 18.02
C ASN D 16 -19.71 -11.44 18.93
N ASN D 17 -20.30 -11.17 20.08
CA ASN D 17 -20.42 -12.15 21.15
C ASN D 17 -21.84 -12.08 21.69
N GLY D 18 -22.65 -13.09 21.42
CA GLY D 18 -23.99 -13.17 21.94
C GLY D 18 -24.13 -13.94 23.22
N ASN D 19 -23.03 -14.41 23.79
CA ASN D 19 -23.06 -15.17 25.04
C ASN D 19 -23.10 -14.18 26.19
N MET D 20 -24.29 -13.62 26.41
CA MET D 20 -24.48 -12.68 27.50
C MET D 20 -24.63 -13.37 28.85
N THR D 21 -24.85 -14.68 28.85
CA THR D 21 -25.33 -15.42 30.01
C THR D 21 -24.21 -16.02 30.84
N PHE D 22 -23.27 -16.71 30.21
CA PHE D 22 -22.43 -17.65 30.93
C PHE D 22 -21.10 -17.81 30.22
N ASN D 23 -20.02 -17.46 30.90
CA ASN D 23 -18.67 -17.73 30.43
C ASN D 23 -18.12 -18.91 31.22
N TYR D 24 -17.85 -20.01 30.53
CA TYR D 24 -17.33 -21.20 31.20
C TYR D 24 -15.90 -20.97 31.65
N TYR D 25 -15.01 -20.68 30.70
CA TYR D 25 -13.63 -20.45 31.02
C TYR D 25 -13.46 -19.08 31.66
N ALA D 26 -12.44 -18.95 32.49
CA ALA D 26 -12.19 -17.69 33.18
C ALA D 26 -11.66 -16.65 32.19
N ASN D 27 -11.58 -15.41 32.66
CA ASN D 27 -11.21 -14.31 31.78
C ASN D 27 -9.75 -14.39 31.35
N THR D 28 -8.88 -14.93 32.20
CA THR D 28 -7.47 -15.03 31.85
C THR D 28 -7.25 -16.11 30.81
N TYR D 29 -8.01 -17.21 30.90
CA TYR D 29 -7.85 -18.29 29.95
C TYR D 29 -8.51 -17.98 28.62
N GLN D 30 -9.67 -17.35 28.66
CA GLN D 30 -10.40 -17.06 27.42
C GLN D 30 -9.73 -15.92 26.65
N ASN D 31 -9.68 -14.75 27.26
CA ASN D 31 -9.06 -13.59 26.66
C ASN D 31 -7.58 -13.57 27.01
N SER D 32 -6.92 -12.43 26.80
CA SER D 32 -5.52 -12.27 27.19
C SER D 32 -5.38 -10.85 27.72
N VAL D 33 -5.48 -10.70 29.04
CA VAL D 33 -5.45 -9.39 29.67
C VAL D 33 -4.04 -8.85 29.68
N ASP D 34 -3.91 -7.53 29.78
CA ASP D 34 -2.62 -6.87 29.77
C ASP D 34 -2.07 -6.80 31.18
N PHE D 35 -0.76 -6.96 31.33
CA PHE D 35 -0.25 -6.83 32.69
C PHE D 35 -0.03 -5.36 33.04
N SER D 36 0.04 -5.09 34.33
CA SER D 36 0.09 -3.73 34.81
C SER D 36 1.48 -3.13 34.68
N THR D 37 1.52 -1.83 34.41
CA THR D 37 2.78 -1.11 34.29
C THR D 37 3.27 -0.61 35.65
N SER D 38 2.36 -0.07 36.46
CA SER D 38 2.73 0.43 37.78
C SER D 38 2.95 -0.72 38.76
N GLY D 62 -21.20 5.55 20.54
CA GLY D 62 -21.38 6.42 21.68
C GLY D 62 -20.91 7.83 21.44
N ILE D 63 -19.81 8.20 22.07
CA ILE D 63 -19.15 9.48 21.84
C ILE D 63 -17.86 9.19 21.09
N LEU D 64 -17.84 9.52 19.79
CA LEU D 64 -16.71 9.24 18.94
C LEU D 64 -15.85 10.50 18.91
N ASN D 65 -14.77 10.50 19.69
CA ASN D 65 -13.89 11.65 19.77
C ASN D 65 -13.10 11.81 18.47
N PRO D 66 -12.73 13.04 18.11
CA PRO D 66 -11.96 13.25 16.89
C PRO D 66 -10.54 12.76 17.04
N LEU D 67 -9.94 12.45 15.89
CA LEU D 67 -8.57 11.98 15.84
C LEU D 67 -7.59 13.10 15.53
N GLY D 68 -8.07 14.35 15.48
CA GLY D 68 -7.21 15.49 15.29
C GLY D 68 -7.81 16.72 15.94
N TYR D 69 -7.06 17.37 16.81
CA TYR D 69 -7.57 18.50 17.58
C TYR D 69 -6.86 19.76 17.15
N LEU D 70 -7.61 20.69 16.56
CA LEU D 70 -7.03 21.98 16.22
C LEU D 70 -6.87 22.80 17.47
N LYS D 71 -5.63 23.16 17.79
CA LYS D 71 -5.39 24.01 18.95
C LYS D 71 -4.49 25.19 18.60
N SER E 1 24.28 -23.30 -40.49
CA SER E 1 24.00 -24.43 -41.35
C SER E 1 24.11 -24.04 -42.82
N MET E 2 24.57 -25.00 -43.64
CA MET E 2 24.64 -24.76 -45.08
C MET E 2 23.26 -24.77 -45.72
N ALA E 3 22.31 -25.49 -45.13
CA ALA E 3 20.93 -25.41 -45.58
C ALA E 3 20.32 -24.08 -45.11
N CYS E 4 19.69 -23.37 -46.03
CA CYS E 4 19.09 -22.08 -45.69
C CYS E 4 17.88 -22.27 -44.79
N TYR E 5 17.61 -21.25 -43.98
CA TYR E 5 16.52 -21.33 -43.01
C TYR E 5 15.19 -21.03 -43.68
N GLY E 6 14.20 -21.90 -43.45
CA GLY E 6 12.89 -21.70 -44.03
C GLY E 6 12.17 -20.50 -43.48
N GLY E 7 12.39 -20.19 -42.19
CA GLY E 7 11.85 -18.99 -41.60
C GLY E 7 12.95 -18.21 -40.91
N PHE E 8 12.61 -17.00 -40.48
CA PHE E 8 13.56 -16.14 -39.80
C PHE E 8 12.77 -15.18 -38.92
N ASP E 9 13.10 -15.14 -37.63
CA ASP E 9 12.29 -14.44 -36.65
C ASP E 9 13.15 -13.44 -35.89
N LEU E 10 12.50 -12.68 -35.00
CA LEU E 10 13.17 -11.61 -34.28
C LEU E 10 12.36 -11.30 -33.04
N TYR E 11 13.03 -11.20 -31.89
CA TYR E 11 12.36 -11.03 -30.60
C TYR E 11 12.94 -9.81 -29.91
N PHE E 12 12.12 -8.80 -29.70
CA PHE E 12 12.53 -7.59 -29.00
C PHE E 12 12.09 -7.73 -27.55
N ILE E 13 12.93 -8.37 -26.74
CA ILE E 13 12.66 -8.58 -25.33
C ILE E 13 13.13 -7.32 -24.60
N LEU E 14 12.18 -6.49 -24.20
CA LEU E 14 12.42 -5.12 -23.79
C LEU E 14 12.17 -4.93 -22.30
N ASP E 15 13.06 -4.22 -21.65
CA ASP E 15 12.88 -3.93 -20.23
C ASP E 15 11.96 -2.74 -20.07
N LYS E 16 11.03 -2.83 -19.13
CA LYS E 16 10.25 -1.69 -18.71
C LYS E 16 10.33 -1.52 -17.20
N SER E 17 11.52 -1.72 -16.64
CA SER E 17 11.70 -1.61 -15.20
C SER E 17 11.65 -0.16 -14.74
N GLY E 18 11.80 0.02 -13.43
CA GLY E 18 11.96 1.38 -12.91
C GLY E 18 13.26 2.03 -13.30
N SER E 19 14.27 1.24 -13.67
CA SER E 19 15.56 1.78 -14.05
C SER E 19 15.54 2.43 -15.43
N VAL E 20 14.66 1.98 -16.32
CA VAL E 20 14.58 2.53 -17.66
C VAL E 20 13.50 3.60 -17.76
N LEU E 21 13.08 4.16 -16.63
CA LEU E 21 12.03 5.19 -16.62
C LEU E 21 12.48 6.47 -17.30
N HIS E 22 13.77 6.80 -17.20
CA HIS E 22 14.32 7.96 -17.88
C HIS E 22 14.97 7.60 -19.21
N HIS E 23 14.77 6.37 -19.69
CA HIS E 23 15.41 5.93 -20.92
C HIS E 23 14.46 5.20 -21.86
N TRP E 24 13.16 5.23 -21.62
CA TRP E 24 12.24 4.52 -22.50
C TRP E 24 12.05 5.25 -23.81
N ASN E 25 12.25 6.57 -23.82
CA ASN E 25 12.19 7.32 -25.06
C ASN E 25 13.38 7.05 -25.97
N GLU E 26 14.42 6.41 -25.46
CA GLU E 26 15.56 5.95 -26.26
C GLU E 26 15.46 4.48 -26.63
N ILE E 27 14.86 3.64 -25.77
CA ILE E 27 14.65 2.24 -26.11
C ILE E 27 13.60 2.12 -27.21
N TYR E 28 12.53 2.90 -27.12
CA TYR E 28 11.47 2.86 -28.13
C TYR E 28 11.96 3.35 -29.49
N TYR E 29 12.89 4.30 -29.51
CA TYR E 29 13.48 4.73 -30.77
C TYR E 29 14.33 3.63 -31.40
N PHE E 30 14.95 2.78 -30.57
CA PHE E 30 15.78 1.70 -31.09
C PHE E 30 14.94 0.60 -31.72
N VAL E 31 13.74 0.35 -31.19
CA VAL E 31 12.92 -0.75 -31.68
C VAL E 31 12.24 -0.38 -32.99
N GLU E 32 11.70 0.85 -33.05
CA GLU E 32 11.03 1.33 -34.25
C GLU E 32 12.02 1.47 -35.41
N GLN E 33 13.27 1.77 -35.12
CA GLN E 33 14.27 1.92 -36.17
C GLN E 33 14.68 0.57 -36.76
N LEU E 34 14.56 -0.50 -36.00
CA LEU E 34 14.81 -1.84 -36.52
C LEU E 34 13.58 -2.49 -37.12
N ALA E 35 12.38 -2.07 -36.73
CA ALA E 35 11.18 -2.62 -37.34
C ALA E 35 10.91 -1.99 -38.69
N HIS E 36 11.06 -0.68 -38.80
CA HIS E 36 10.83 0.05 -40.04
C HIS E 36 12.03 0.02 -40.98
N LYS E 37 13.07 -0.73 -40.66
CA LYS E 37 14.16 -1.00 -41.58
C LYS E 37 14.01 -2.37 -42.23
N PHE E 38 13.67 -3.38 -41.46
CA PHE E 38 13.47 -4.73 -41.99
C PHE E 38 11.99 -4.90 -42.28
N ILE E 39 11.60 -4.62 -43.53
CA ILE E 39 10.22 -4.71 -43.96
C ILE E 39 9.98 -5.96 -44.79
N SER E 40 10.89 -6.94 -44.72
CA SER E 40 10.76 -8.13 -45.55
C SER E 40 9.69 -9.06 -44.96
N PRO E 41 8.83 -9.65 -45.81
CA PRO E 41 7.82 -10.58 -45.30
C PRO E 41 8.37 -11.92 -44.84
N GLN E 42 9.65 -12.21 -45.11
CA GLN E 42 10.26 -13.41 -44.56
C GLN E 42 10.46 -13.28 -43.06
N LEU E 43 10.69 -12.07 -42.57
CA LEU E 43 10.99 -11.82 -41.17
C LEU E 43 9.72 -11.53 -40.40
N ARG E 44 9.46 -12.32 -39.37
CA ARG E 44 8.42 -12.02 -38.39
C ARG E 44 9.07 -11.47 -37.13
N MET E 45 8.35 -10.64 -36.40
CA MET E 45 8.89 -10.05 -35.19
C MET E 45 7.83 -10.02 -34.11
N SER E 46 8.28 -10.09 -32.86
CA SER E 46 7.40 -10.11 -31.72
C SER E 46 7.96 -9.21 -30.63
N PHE E 47 7.07 -8.52 -29.94
CA PHE E 47 7.44 -7.52 -28.94
C PHE E 47 7.12 -8.08 -27.57
N ILE E 48 8.15 -8.37 -26.79
CA ILE E 48 8.00 -8.91 -25.45
C ILE E 48 8.52 -7.89 -24.46
N VAL E 49 7.71 -7.53 -23.47
CA VAL E 49 8.15 -6.62 -22.43
C VAL E 49 8.26 -7.39 -21.13
N PHE E 50 9.02 -6.83 -20.20
CA PHE E 50 9.11 -7.38 -18.85
C PHE E 50 9.46 -6.26 -17.89
N SER E 51 8.67 -6.12 -16.83
CA SER E 51 9.17 -5.54 -15.59
C SER E 51 9.04 -6.53 -14.45
N THR E 52 7.81 -6.91 -14.13
CA THR E 52 7.52 -7.95 -13.16
C THR E 52 6.80 -9.10 -13.84
N ARG E 53 5.82 -8.80 -14.68
CA ARG E 53 5.21 -9.80 -15.53
C ARG E 53 5.89 -9.76 -16.89
N GLY E 54 6.43 -10.89 -17.33
CA GLY E 54 6.86 -10.99 -18.70
C GLY E 54 5.66 -11.16 -19.59
N THR E 55 5.38 -10.15 -20.42
CA THR E 55 4.12 -10.10 -21.16
C THR E 55 4.41 -9.92 -22.64
N THR E 56 3.87 -10.81 -23.45
CA THR E 56 3.98 -10.69 -24.90
C THR E 56 3.07 -9.56 -25.37
N LEU E 57 3.65 -8.44 -25.75
CA LEU E 57 2.87 -7.31 -26.23
C LEU E 57 2.41 -7.48 -27.66
N MET E 58 3.09 -8.30 -28.44
CA MET E 58 2.67 -8.65 -29.78
C MET E 58 3.23 -10.02 -30.11
N LYS E 59 2.38 -10.91 -30.61
CA LYS E 59 2.82 -12.27 -30.92
C LYS E 59 3.72 -12.26 -32.16
N LEU E 60 4.22 -13.44 -32.50
CA LEU E 60 5.12 -13.57 -33.63
C LEU E 60 4.34 -13.40 -34.92
N THR E 61 4.28 -12.16 -35.41
CA THR E 61 3.51 -11.80 -36.58
C THR E 61 4.40 -11.09 -37.58
N GLU E 62 3.86 -10.87 -38.77
CA GLU E 62 4.56 -10.15 -39.81
C GLU E 62 3.74 -9.05 -40.46
N ASP E 63 2.44 -8.96 -40.17
CA ASP E 63 1.59 -7.97 -40.80
C ASP E 63 1.99 -6.57 -40.35
N ARG E 64 2.45 -5.76 -41.30
CA ARG E 64 3.01 -4.46 -40.99
C ARG E 64 1.97 -3.46 -40.51
N GLU E 65 0.69 -3.74 -40.68
CA GLU E 65 -0.34 -3.00 -39.96
C GLU E 65 -0.36 -3.39 -38.49
N GLN E 66 -0.25 -4.69 -38.20
CA GLN E 66 -0.23 -5.15 -36.81
C GLN E 66 1.04 -4.70 -36.10
N ILE E 67 2.17 -4.70 -36.82
CA ILE E 67 3.42 -4.25 -36.22
C ILE E 67 3.40 -2.74 -36.01
N ARG E 68 2.76 -2.00 -36.90
CA ARG E 68 2.52 -0.58 -36.65
C ARG E 68 1.55 -0.40 -35.49
N GLN E 69 0.53 -1.26 -35.40
CA GLN E 69 -0.32 -1.26 -34.21
C GLN E 69 0.44 -1.74 -32.99
N GLY E 70 1.46 -2.58 -33.18
CA GLY E 70 2.31 -2.94 -32.05
C GLY E 70 3.22 -1.80 -31.61
N LEU E 71 3.79 -1.08 -32.58
CA LEU E 71 4.68 0.02 -32.25
C LEU E 71 3.94 1.25 -31.74
N GLU E 72 2.66 1.39 -32.06
CA GLU E 72 1.88 2.45 -31.43
C GLU E 72 1.54 2.14 -29.99
N GLU E 73 1.67 0.89 -29.58
CA GLU E 73 1.46 0.50 -28.19
C GLU E 73 2.73 0.65 -27.36
N LEU E 74 3.90 0.36 -27.94
CA LEU E 74 5.16 0.50 -27.21
C LEU E 74 5.50 1.95 -26.88
N GLN E 75 4.97 2.91 -27.63
CA GLN E 75 5.21 4.31 -27.33
C GLN E 75 4.48 4.73 -26.06
N LYS E 76 3.39 4.06 -25.71
CA LYS E 76 2.59 4.41 -24.54
C LYS E 76 2.71 3.37 -23.44
N VAL E 77 3.91 2.84 -23.23
CA VAL E 77 4.20 1.89 -22.16
C VAL E 77 4.90 2.61 -21.04
N LEU E 78 4.33 2.55 -19.84
CA LEU E 78 4.90 3.20 -18.67
C LEU E 78 5.91 2.28 -18.01
N PRO E 79 7.17 2.70 -17.86
CA PRO E 79 8.15 1.86 -17.17
C PRO E 79 7.89 1.83 -15.68
N GLY E 80 8.43 0.80 -15.04
CA GLY E 80 8.29 0.66 -13.61
C GLY E 80 8.07 -0.76 -13.15
N GLY E 81 8.68 -1.12 -12.03
CA GLY E 81 8.66 -2.46 -11.50
C GLY E 81 10.06 -3.00 -11.35
N ASP E 82 10.15 -4.30 -11.09
CA ASP E 82 11.43 -4.98 -10.94
C ASP E 82 12.01 -5.28 -12.32
N THR E 83 13.02 -6.14 -12.38
CA THR E 83 13.61 -6.52 -13.66
C THR E 83 13.63 -8.06 -13.71
N TYR E 84 12.52 -8.65 -14.14
CA TYR E 84 12.46 -10.10 -14.29
C TYR E 84 12.80 -10.44 -15.73
N MET E 85 14.10 -10.50 -16.01
CA MET E 85 14.54 -10.76 -17.37
C MET E 85 14.40 -12.24 -17.74
N HIS E 86 14.22 -13.12 -16.76
CA HIS E 86 13.94 -14.51 -17.08
C HIS E 86 12.53 -14.66 -17.64
N GLU E 87 11.57 -13.87 -17.14
CA GLU E 87 10.24 -13.94 -17.71
C GLU E 87 10.12 -13.19 -19.03
N GLY E 88 11.09 -12.35 -19.37
CA GLY E 88 11.19 -11.90 -20.74
C GLY E 88 11.59 -13.03 -21.68
N PHE E 89 12.45 -13.93 -21.20
CA PHE E 89 12.91 -15.05 -22.01
C PHE E 89 11.93 -16.20 -22.05
N GLU E 90 11.05 -16.32 -21.06
CA GLU E 90 10.11 -17.44 -21.07
C GLU E 90 9.00 -17.21 -22.09
N ARG E 91 8.65 -15.95 -22.38
CA ARG E 91 7.66 -15.70 -23.42
C ARG E 91 8.24 -15.97 -24.80
N ALA E 92 9.53 -15.76 -24.98
CA ALA E 92 10.17 -16.15 -26.23
C ALA E 92 10.37 -17.65 -26.31
N SER E 93 10.61 -18.30 -25.17
CA SER E 93 10.78 -19.75 -25.16
C SER E 93 9.46 -20.48 -25.41
N GLU E 94 8.33 -19.86 -25.11
CA GLU E 94 7.04 -20.42 -25.49
C GLU E 94 6.74 -20.24 -26.96
N GLN E 95 7.46 -19.35 -27.65
CA GLN E 95 7.25 -19.11 -29.06
C GLN E 95 8.27 -19.80 -29.94
N ILE E 96 9.50 -20.00 -29.46
CA ILE E 96 10.46 -20.79 -30.22
C ILE E 96 10.03 -22.25 -30.23
N TYR E 97 9.61 -22.77 -29.08
CA TYR E 97 9.17 -24.16 -28.99
C TYR E 97 7.87 -24.38 -29.75
N TYR E 98 7.03 -23.36 -29.85
CA TYR E 98 5.82 -23.49 -30.63
C TYR E 98 6.10 -23.46 -32.13
N GLU E 99 7.16 -22.76 -32.54
CA GLU E 99 7.49 -22.65 -33.96
C GLU E 99 8.55 -23.66 -34.39
N ASN E 100 9.14 -24.41 -33.48
CA ASN E 100 9.95 -25.58 -33.86
C ASN E 100 9.09 -26.79 -34.18
N ARG E 101 7.78 -26.70 -34.01
CA ARG E 101 6.86 -27.80 -34.28
C ARG E 101 6.04 -27.55 -35.54
N GLN E 102 6.66 -26.95 -36.55
CA GLN E 102 6.00 -26.69 -37.82
C GLN E 102 6.64 -27.40 -38.99
N GLY E 103 7.80 -28.01 -38.81
CA GLY E 103 8.56 -28.57 -39.92
C GLY E 103 9.43 -27.58 -40.64
N TYR E 104 9.46 -26.32 -40.20
CA TYR E 104 10.28 -25.30 -40.82
C TYR E 104 11.53 -25.09 -39.96
N ARG E 105 12.70 -25.29 -40.56
CA ARG E 105 13.94 -24.96 -39.87
C ARG E 105 14.10 -23.45 -39.86
N THR E 106 13.53 -22.79 -38.84
CA THR E 106 13.55 -21.35 -38.77
C THR E 106 14.81 -20.89 -38.04
N ALA E 107 14.88 -19.60 -37.72
CA ALA E 107 16.04 -19.04 -37.04
C ALA E 107 15.56 -17.98 -36.06
N SER E 108 15.62 -18.29 -34.77
CA SER E 108 15.18 -17.36 -33.74
C SER E 108 16.33 -16.44 -33.35
N VAL E 109 16.04 -15.14 -33.30
CA VAL E 109 16.99 -14.13 -32.87
C VAL E 109 16.36 -13.37 -31.72
N ILE E 110 17.10 -13.17 -30.64
CA ILE E 110 16.61 -12.55 -29.42
C ILE E 110 17.44 -11.30 -29.14
N ILE E 111 16.77 -10.17 -28.95
CA ILE E 111 17.41 -8.91 -28.60
C ILE E 111 16.95 -8.51 -27.21
N ALA E 112 17.89 -8.36 -26.29
CA ALA E 112 17.61 -8.01 -24.91
C ALA E 112 18.10 -6.59 -24.62
N LEU E 113 17.39 -5.91 -23.71
CA LEU E 113 17.71 -4.55 -23.28
C LEU E 113 17.64 -4.47 -21.77
N THR E 114 18.61 -3.79 -21.15
CA THR E 114 18.62 -3.63 -19.69
C THR E 114 19.48 -2.45 -19.27
N ASP E 115 18.92 -1.60 -18.40
CA ASP E 115 19.71 -0.65 -17.62
C ASP E 115 20.08 -1.21 -16.26
N GLY E 116 19.06 -1.44 -15.43
CA GLY E 116 19.27 -1.90 -14.07
C GLY E 116 19.58 -3.37 -14.08
N GLU E 117 20.80 -3.72 -13.75
CA GLU E 117 21.18 -5.12 -13.82
C GLU E 117 20.61 -5.89 -12.65
N LEU E 118 20.65 -7.20 -12.79
CA LEU E 118 19.80 -8.07 -12.01
C LEU E 118 20.50 -8.46 -10.71
N HIS E 119 19.69 -8.72 -9.69
CA HIS E 119 20.21 -9.24 -8.45
C HIS E 119 20.61 -10.72 -8.66
N GLU E 120 21.33 -11.28 -7.67
CA GLU E 120 21.84 -12.65 -7.77
C GLU E 120 20.72 -13.67 -7.88
N ASP E 121 19.60 -13.43 -7.17
CA ASP E 121 18.48 -14.36 -7.27
C ASP E 121 17.74 -14.26 -8.60
N LEU E 122 17.93 -13.18 -9.34
CA LEU E 122 17.29 -13.01 -10.65
C LEU E 122 18.23 -13.27 -11.80
N PHE E 123 19.53 -13.01 -11.61
CA PHE E 123 20.51 -13.32 -12.62
C PHE E 123 20.69 -14.82 -12.79
N PHE E 124 20.41 -15.59 -11.74
CA PHE E 124 20.53 -17.04 -11.83
C PHE E 124 19.48 -17.64 -12.75
N TYR E 125 18.28 -17.07 -12.78
CA TYR E 125 17.25 -17.60 -13.66
C TYR E 125 17.34 -17.04 -15.07
N SER E 126 17.77 -15.79 -15.23
CA SER E 126 17.89 -15.23 -16.56
C SER E 126 19.06 -15.85 -17.31
N GLU E 127 20.11 -16.25 -16.60
CA GLU E 127 21.17 -17.04 -17.22
C GLU E 127 20.68 -18.45 -17.55
N ARG E 128 19.79 -18.98 -16.71
CA ARG E 128 19.21 -20.30 -16.97
C ARG E 128 18.27 -20.28 -18.17
N GLU E 129 17.43 -19.24 -18.27
CA GLU E 129 16.49 -19.18 -19.39
C GLU E 129 17.20 -18.85 -20.70
N ALA E 130 18.29 -18.08 -20.64
CA ALA E 130 19.07 -17.84 -21.85
C ALA E 130 19.82 -19.08 -22.29
N ASN E 131 20.18 -19.97 -21.36
CA ASN E 131 20.68 -21.28 -21.75
C ASN E 131 19.56 -22.14 -22.31
N ARG E 132 18.33 -21.95 -21.83
CA ARG E 132 17.20 -22.71 -22.32
C ARG E 132 16.82 -22.30 -23.74
N SER E 133 16.90 -21.01 -24.04
CA SER E 133 16.51 -20.53 -25.35
C SER E 133 17.55 -20.87 -26.40
N ARG E 134 18.83 -20.93 -26.01
CA ARG E 134 19.85 -21.40 -26.95
C ARG E 134 19.71 -22.90 -27.21
N ASP E 135 19.24 -23.66 -26.22
CA ASP E 135 18.95 -25.07 -26.45
C ASP E 135 17.71 -25.25 -27.31
N LEU E 136 16.82 -24.27 -27.32
CA LEU E 136 15.73 -24.24 -28.27
C LEU E 136 16.16 -23.74 -29.64
N GLY E 137 17.39 -23.27 -29.79
CA GLY E 137 17.89 -22.84 -31.07
C GLY E 137 17.70 -21.38 -31.36
N ALA E 138 18.20 -20.52 -30.47
CA ALA E 138 18.12 -19.08 -30.66
C ALA E 138 19.52 -18.47 -30.65
N ILE E 139 19.59 -17.21 -31.07
CA ILE E 139 20.82 -16.44 -31.08
C ILE E 139 20.54 -15.19 -30.24
N VAL E 140 21.06 -15.16 -29.02
CA VAL E 140 20.72 -14.12 -28.07
C VAL E 140 21.69 -12.96 -28.22
N TYR E 141 21.17 -11.78 -28.55
CA TYR E 141 21.92 -10.55 -28.55
C TYR E 141 21.48 -9.72 -27.35
N ALA E 142 22.43 -9.08 -26.67
CA ALA E 142 22.14 -8.31 -25.47
C ALA E 142 22.54 -6.87 -25.72
N VAL E 143 21.58 -6.05 -26.12
CA VAL E 143 21.83 -4.64 -26.37
C VAL E 143 21.78 -3.90 -25.04
N GLY E 144 22.81 -3.12 -24.78
CA GLY E 144 22.89 -2.43 -23.50
C GLY E 144 22.62 -0.95 -23.56
N VAL E 145 21.52 -0.52 -22.96
CA VAL E 145 21.34 0.89 -22.59
C VAL E 145 22.22 1.16 -21.38
N LYS E 146 22.28 2.43 -20.96
CA LYS E 146 23.34 3.04 -20.15
C LYS E 146 23.74 2.30 -18.87
N ASP E 147 24.88 2.73 -18.28
CA ASP E 147 25.96 1.90 -17.75
C ASP E 147 25.57 0.53 -17.22
N PHE E 148 26.28 -0.49 -17.71
CA PHE E 148 25.94 -1.88 -17.49
C PHE E 148 27.23 -2.69 -17.48
N ASN E 149 27.28 -3.72 -16.65
CA ASN E 149 28.39 -4.67 -16.69
C ASN E 149 28.25 -5.53 -17.94
N GLU E 150 29.34 -5.66 -18.68
CA GLU E 150 29.35 -6.61 -19.79
C GLU E 150 29.33 -8.05 -19.29
N THR E 151 29.92 -8.30 -18.11
CA THR E 151 29.98 -9.65 -17.56
C THR E 151 28.59 -10.12 -17.11
N GLN E 152 27.76 -9.21 -16.60
CA GLN E 152 26.38 -9.55 -16.30
C GLN E 152 25.54 -9.79 -17.55
N LEU E 153 26.00 -9.33 -18.72
CA LEU E 153 25.36 -9.68 -19.99
C LEU E 153 26.21 -10.62 -20.83
N ALA E 154 27.40 -11.00 -20.36
CA ALA E 154 28.18 -12.00 -21.08
C ALA E 154 27.56 -13.37 -20.96
N ARG E 155 26.97 -13.67 -19.80
CA ARG E 155 26.31 -14.96 -19.62
C ARG E 155 24.98 -14.99 -20.34
N ILE E 156 24.30 -13.84 -20.40
CA ILE E 156 22.96 -13.78 -20.97
C ILE E 156 23.00 -13.91 -22.48
N ALA E 157 23.94 -13.23 -23.12
CA ALA E 157 24.09 -13.31 -24.56
C ALA E 157 24.87 -14.59 -24.93
N ASP E 158 25.26 -14.69 -26.19
CA ASP E 158 26.09 -15.82 -26.60
C ASP E 158 27.49 -15.70 -26.01
N SER E 159 28.09 -14.52 -26.12
CA SER E 159 29.44 -14.26 -25.62
C SER E 159 29.57 -12.76 -25.40
N LYS E 160 30.80 -12.31 -25.17
CA LYS E 160 31.07 -10.89 -25.10
C LYS E 160 31.07 -10.23 -26.48
N ASP E 161 31.10 -11.03 -27.54
CA ASP E 161 31.02 -10.50 -28.90
C ASP E 161 29.60 -10.06 -29.26
N HIS E 162 28.60 -10.51 -28.51
CA HIS E 162 27.20 -10.28 -28.82
C HIS E 162 26.55 -9.27 -27.89
N VAL E 163 27.34 -8.53 -27.12
CA VAL E 163 26.83 -7.50 -26.23
C VAL E 163 27.18 -6.14 -26.82
N PHE E 164 26.18 -5.28 -26.94
CA PHE E 164 26.40 -4.01 -27.63
C PHE E 164 25.82 -2.86 -26.82
N PRO E 165 26.50 -1.72 -26.78
CA PRO E 165 25.86 -0.51 -26.27
C PRO E 165 24.79 -0.03 -27.23
N VAL E 166 23.87 0.78 -26.70
CA VAL E 166 22.66 1.12 -27.47
C VAL E 166 22.98 2.16 -28.56
N ASN E 167 24.00 2.99 -28.36
CA ASN E 167 24.35 3.97 -29.38
C ASN E 167 25.03 3.30 -30.56
N ASP E 168 25.82 2.26 -30.29
CA ASP E 168 26.42 1.43 -31.32
C ASP E 168 25.49 0.30 -31.75
N GLY E 169 24.32 0.18 -31.09
CA GLY E 169 23.47 -0.99 -31.30
C GLY E 169 22.85 -1.06 -32.67
N PHE E 170 22.24 0.04 -33.12
CA PHE E 170 21.73 0.08 -34.48
C PHE E 170 22.87 0.08 -35.50
N GLN E 171 24.03 0.63 -35.12
CA GLN E 171 25.20 0.53 -35.97
C GLN E 171 25.71 -0.91 -36.05
N ALA E 172 25.65 -1.63 -34.94
CA ALA E 172 25.99 -3.05 -34.97
C ALA E 172 24.93 -3.84 -35.71
N LEU E 173 23.68 -3.80 -35.23
CA LEU E 173 22.61 -4.64 -35.73
C LEU E 173 22.05 -4.20 -37.07
N GLN E 174 22.70 -3.27 -37.77
CA GLN E 174 22.34 -2.96 -39.14
C GLN E 174 22.61 -4.15 -40.04
N GLY E 175 23.81 -4.71 -39.96
CA GLY E 175 24.20 -5.81 -40.82
C GLY E 175 24.29 -7.14 -40.10
N ILE E 176 24.24 -7.11 -38.78
CA ILE E 176 24.27 -8.35 -38.01
C ILE E 176 22.95 -9.10 -38.17
N ILE E 177 21.83 -8.40 -38.11
CA ILE E 177 20.55 -9.01 -38.43
C ILE E 177 20.47 -9.28 -39.93
N HIS E 178 21.07 -8.42 -40.74
CA HIS E 178 21.00 -8.56 -42.19
C HIS E 178 21.89 -9.68 -42.71
N SER E 179 22.86 -10.15 -41.91
CA SER E 179 23.75 -11.21 -42.35
C SER E 179 23.03 -12.54 -42.52
N ILE E 180 21.96 -12.77 -41.78
CA ILE E 180 21.25 -14.03 -41.87
C ILE E 180 20.11 -13.94 -42.88
N LEU E 181 19.74 -12.73 -43.29
CA LEU E 181 18.73 -12.57 -44.34
C LEU E 181 19.24 -13.07 -45.68
N LYS E 182 20.50 -12.80 -46.00
CA LYS E 182 21.09 -13.34 -47.22
C LYS E 182 21.42 -14.82 -47.07
N LYS E 183 21.71 -15.25 -45.84
CA LYS E 183 21.93 -16.66 -45.55
C LYS E 183 20.64 -17.47 -45.69
N SER E 184 19.49 -16.83 -45.49
CA SER E 184 18.21 -17.51 -45.52
C SER E 184 17.82 -17.86 -46.96
N CYS E 185 16.66 -18.49 -47.09
CA CYS E 185 16.19 -18.97 -48.39
C CYS E 185 15.63 -17.82 -49.22
MG MG F . 16.09 -1.94 -13.70
#